data_8XAI
#
_entry.id   8XAI
#
_cell.length_a   38.567
_cell.length_b   66.873
_cell.length_c   75.605
_cell.angle_alpha   98.83
_cell.angle_beta   90.16
_cell.angle_gamma   100.72
#
_symmetry.space_group_name_H-M   'P 1'
#
loop_
_entity.id
_entity.type
_entity.pdbx_description
1 polymer Lipoprotein
2 water water
#
_entity_poly.entity_id   1
_entity_poly.type   'polypeptide(L)'
_entity_poly.pdbx_seq_one_letter_code
;MMMKKGLLAGALTATVLFGTCAVDAPGIISPKTAEAASQLTDGIGGRAYLNSTGAIFVTKIQLPSSIQVSNGTAYIYSGF
SGGTESDIGFQYSDKYNVWKPYMKVGSKGQDQVQYLEGGSQFTNTKGFRPGSTVQLTIYKNLNGNTRATYWGTNNAGYNG
RLISEISKTNVGSISKWKALATVATTGSRQSIKSNFSTSFTNITIDNKAITPVIDTQDFAKVTVSGNSVSLSVVKN
;
_entity_poly.pdbx_strand_id   A,B,C,D
#
# COMPACT_ATOMS: atom_id res chain seq x y z
N LYS A 32 17.45 -24.42 22.74
CA LYS A 32 18.38 -25.05 21.80
C LYS A 32 18.54 -24.23 20.52
N THR A 33 19.64 -23.48 20.41
CA THR A 33 20.05 -22.84 19.17
C THR A 33 21.55 -22.59 19.18
N ALA A 34 22.26 -23.17 18.21
CA ALA A 34 23.61 -22.71 17.91
C ALA A 34 23.50 -21.83 16.68
N GLU A 35 23.29 -20.55 16.93
CA GLU A 35 23.62 -19.47 16.01
C GLU A 35 25.04 -18.97 16.25
N ALA A 36 25.78 -19.67 17.12
CA ALA A 36 27.11 -19.31 17.62
C ALA A 36 28.21 -20.17 17.01
N ALA A 37 27.96 -20.80 15.87
CA ALA A 37 28.92 -21.65 15.16
C ALA A 37 29.43 -22.82 16.01
N SER A 38 28.69 -23.17 17.06
CA SER A 38 29.03 -24.33 17.88
C SER A 38 28.04 -25.25 17.18
N GLN A 39 27.63 -26.34 17.85
CA GLN A 39 26.77 -27.32 17.19
C GLN A 39 25.25 -27.51 17.34
N LEU A 40 24.60 -26.71 18.17
CA LEU A 40 23.18 -26.90 18.51
C LEU A 40 22.20 -26.13 17.60
N THR A 41 22.44 -26.01 16.29
CA THR A 41 21.36 -25.60 15.39
C THR A 41 20.43 -26.80 15.33
N ASP A 42 19.61 -26.94 16.37
CA ASP A 42 18.82 -28.16 16.57
C ASP A 42 17.67 -27.98 15.58
N GLY A 43 17.99 -27.93 14.29
CA GLY A 43 17.00 -27.74 13.25
C GLY A 43 17.70 -27.63 11.89
N ILE A 44 17.03 -26.97 10.93
CA ILE A 44 17.59 -26.86 9.59
C ILE A 44 17.70 -25.39 9.23
N GLY A 45 18.28 -25.07 8.08
CA GLY A 45 18.20 -23.70 7.60
C GLY A 45 19.50 -23.20 7.02
N GLY A 46 19.57 -21.88 6.88
CA GLY A 46 20.74 -21.22 6.34
C GLY A 46 21.21 -20.09 7.23
N ARG A 47 22.50 -19.79 7.11
CA ARG A 47 23.16 -18.79 7.94
C ARG A 47 24.28 -18.13 7.16
N ALA A 48 24.30 -16.80 7.17
CA ALA A 48 25.46 -16.07 6.69
C ALA A 48 25.96 -15.20 7.83
N TYR A 49 27.20 -14.74 7.72
CA TYR A 49 27.78 -13.89 8.75
C TYR A 49 28.11 -12.53 8.15
N LEU A 50 27.83 -11.48 8.92
CA LEU A 50 28.16 -10.11 8.54
C LEU A 50 29.34 -9.67 9.40
N ASN A 51 30.52 -9.58 8.79
CA ASN A 51 31.77 -9.44 9.53
C ASN A 51 32.01 -7.99 9.93
N SER A 52 31.28 -7.56 10.96
CA SER A 52 31.45 -6.23 11.55
C SER A 52 31.24 -6.31 13.05
N THR A 53 32.05 -5.57 13.79
CA THR A 53 31.85 -5.40 15.23
C THR A 53 31.01 -4.15 15.54
N GLY A 54 30.34 -3.59 14.52
CA GLY A 54 29.54 -2.38 14.68
C GLY A 54 28.40 -2.55 15.68
N ALA A 55 27.78 -1.42 16.04
CA ALA A 55 26.76 -1.47 17.09
C ALA A 55 25.33 -1.31 16.59
N ILE A 56 25.12 -0.78 15.38
CA ILE A 56 23.79 -0.52 14.85
C ILE A 56 23.67 -1.20 13.50
N PHE A 57 22.79 -2.18 13.45
CA PHE A 57 22.50 -2.95 12.23
C PHE A 57 21.16 -2.49 11.66
N VAL A 58 21.08 -2.42 10.35
CA VAL A 58 19.81 -2.18 9.67
C VAL A 58 19.77 -3.07 8.44
N THR A 59 18.58 -3.61 8.15
CA THR A 59 18.33 -4.31 6.90
C THR A 59 16.85 -4.18 6.57
N LYS A 60 16.50 -4.56 5.34
CA LYS A 60 15.12 -4.80 4.93
C LYS A 60 14.94 -6.29 4.68
N ILE A 61 13.93 -6.87 5.31
CA ILE A 61 13.65 -8.29 5.22
C ILE A 61 12.47 -8.50 4.31
N GLN A 62 12.64 -9.30 3.27
CA GLN A 62 11.48 -9.69 2.47
C GLN A 62 10.89 -10.96 3.07
N LEU A 63 9.81 -10.80 3.82
CA LEU A 63 9.18 -11.95 4.42
C LEU A 63 8.52 -12.83 3.34
N PRO A 64 8.50 -14.15 3.56
CA PRO A 64 8.03 -15.06 2.51
C PRO A 64 6.56 -14.86 2.21
N SER A 65 6.20 -14.93 0.93
CA SER A 65 4.80 -14.81 0.51
C SER A 65 3.96 -15.92 1.12
N SER A 66 4.52 -17.10 1.22
CA SER A 66 3.90 -18.25 1.84
C SER A 66 5.00 -19.09 2.45
N ILE A 67 4.61 -19.99 3.33
CA ILE A 67 5.53 -20.85 4.05
C ILE A 67 4.81 -22.14 4.39
N GLN A 68 5.49 -23.26 4.19
CA GLN A 68 5.08 -24.55 4.75
C GLN A 68 6.16 -24.97 5.72
N VAL A 69 5.75 -25.29 6.95
CA VAL A 69 6.63 -25.80 8.00
C VAL A 69 5.81 -26.71 8.88
N SER A 70 6.28 -27.94 9.07
CA SER A 70 5.39 -29.01 9.47
C SER A 70 5.87 -29.84 10.65
N ASN A 71 6.92 -29.41 11.35
CA ASN A 71 7.28 -30.14 12.56
C ASN A 71 7.86 -29.27 13.67
N GLY A 72 8.18 -28.04 13.32
CA GLY A 72 9.00 -27.19 14.17
C GLY A 72 8.54 -25.77 13.88
N THR A 73 9.43 -24.83 14.19
CA THR A 73 9.08 -23.42 14.15
C THR A 73 10.06 -22.68 13.27
N ALA A 74 9.53 -21.88 12.36
CA ALA A 74 10.36 -21.14 11.42
C ALA A 74 10.72 -19.79 12.01
N TYR A 75 11.94 -19.36 11.74
CA TYR A 75 12.50 -18.12 12.27
C TYR A 75 13.29 -17.46 11.14
N ILE A 76 13.28 -16.13 11.13
CA ILE A 76 14.10 -15.33 10.25
C ILE A 76 14.69 -14.25 11.13
N TYR A 77 16.01 -14.25 11.32
CA TYR A 77 16.51 -13.27 12.26
C TYR A 77 17.96 -12.85 12.01
N SER A 78 18.25 -11.66 12.47
CA SER A 78 19.62 -11.21 12.62
C SER A 78 20.04 -11.35 14.08
N GLY A 79 21.02 -10.56 14.51
CA GLY A 79 21.62 -10.79 15.81
C GLY A 79 23.12 -10.64 15.74
N PHE A 80 23.79 -10.81 16.87
CA PHE A 80 25.26 -10.68 16.94
C PHE A 80 25.83 -11.90 17.67
N SER A 81 27.11 -12.12 17.48
CA SER A 81 27.74 -13.30 18.08
C SER A 81 29.15 -12.97 18.52
N GLY A 82 29.74 -13.76 19.40
CA GLY A 82 31.14 -13.47 19.68
C GLY A 82 31.15 -12.43 20.73
N GLY A 83 31.15 -12.95 21.94
CA GLY A 83 30.84 -12.26 23.17
C GLY A 83 29.45 -12.79 23.48
N THR A 84 28.52 -11.90 23.69
CA THR A 84 27.11 -12.29 23.98
C THR A 84 26.42 -12.77 22.69
N GLU A 85 25.35 -13.56 22.77
CA GLU A 85 24.65 -13.94 21.50
C GLU A 85 23.21 -13.43 21.52
N SER A 86 22.68 -13.17 20.34
CA SER A 86 21.33 -12.63 20.20
C SER A 86 20.65 -13.22 18.98
N ASP A 87 19.37 -13.53 19.16
CA ASP A 87 18.51 -13.92 18.04
C ASP A 87 17.44 -12.84 17.98
N ILE A 88 17.43 -12.04 16.92
CA ILE A 88 16.56 -10.87 16.86
C ILE A 88 15.97 -10.84 15.46
N GLY A 89 14.68 -11.12 15.37
CA GLY A 89 14.00 -11.03 14.10
C GLY A 89 12.57 -11.44 14.26
N PHE A 90 12.15 -12.46 13.52
CA PHE A 90 10.76 -12.85 13.42
C PHE A 90 10.65 -14.33 13.78
N GLN A 91 9.49 -14.75 14.26
CA GLN A 91 9.13 -16.17 14.43
C GLN A 91 7.75 -16.40 13.84
N TYR A 92 7.62 -17.42 13.00
CA TYR A 92 6.37 -17.58 12.26
C TYR A 92 5.27 -18.18 13.12
N SER A 93 4.04 -17.76 12.88
CA SER A 93 2.86 -18.27 13.57
C SER A 93 1.89 -18.89 12.56
N ASP A 94 1.70 -20.20 12.62
CA ASP A 94 0.65 -20.83 11.83
C ASP A 94 -0.73 -20.46 12.35
N LYS A 95 -0.89 -20.37 13.66
CA LYS A 95 -2.22 -20.08 14.19
C LYS A 95 -2.76 -18.75 13.64
N TYR A 96 -1.93 -17.74 13.50
CA TYR A 96 -2.38 -16.44 13.02
C TYR A 96 -1.89 -16.12 11.62
N ASN A 97 -0.97 -16.91 11.06
CA ASN A 97 -0.41 -16.68 9.72
C ASN A 97 0.30 -15.34 9.65
N VAL A 98 1.12 -15.07 10.66
CA VAL A 98 1.87 -13.83 10.76
C VAL A 98 3.30 -14.10 11.24
N TRP A 99 4.22 -13.20 10.88
CA TRP A 99 5.58 -13.25 11.38
C TRP A 99 5.63 -12.28 12.58
N LYS A 100 5.75 -12.87 13.76
CA LYS A 100 5.71 -12.17 15.03
C LYS A 100 7.11 -11.62 15.35
N PRO A 101 7.19 -10.52 16.07
CA PRO A 101 8.50 -10.07 16.54
C PRO A 101 9.02 -11.03 17.58
N TYR A 102 10.31 -11.31 17.51
CA TYR A 102 11.00 -12.25 18.37
C TYR A 102 12.37 -11.68 18.71
N MET A 103 12.76 -11.75 20.00
CA MET A 103 14.14 -11.41 20.32
C MET A 103 14.59 -12.05 21.63
N LYS A 104 15.85 -12.48 21.64
CA LYS A 104 16.51 -13.02 22.83
C LYS A 104 17.94 -12.52 22.80
N VAL A 105 18.40 -11.97 23.91
CA VAL A 105 19.78 -11.50 24.03
C VAL A 105 20.36 -12.16 25.26
N GLY A 106 21.41 -12.95 25.07
CA GLY A 106 22.00 -13.66 26.19
C GLY A 106 21.00 -14.65 26.75
N SER A 107 20.84 -14.59 28.07
CA SER A 107 19.97 -15.52 28.75
C SER A 107 18.53 -15.02 28.85
N LYS A 108 18.26 -13.80 28.36
CA LYS A 108 16.88 -13.23 28.45
C LYS A 108 16.22 -13.25 27.06
N GLY A 109 14.98 -13.75 27.00
CA GLY A 109 14.23 -13.87 25.76
C GLY A 109 12.83 -13.28 25.77
N GLN A 110 11.98 -13.87 24.95
CA GLN A 110 10.57 -13.48 24.70
C GLN A 110 9.76 -13.01 25.91
N ASP A 111 9.90 -13.62 27.08
CA ASP A 111 9.15 -13.12 28.27
C ASP A 111 9.68 -11.79 28.83
N GLN A 112 10.91 -11.43 28.50
CA GLN A 112 11.56 -10.20 29.00
C GLN A 112 11.66 -9.13 27.91
N VAL A 113 10.89 -9.27 26.83
CA VAL A 113 10.89 -8.20 25.80
C VAL A 113 9.78 -7.19 26.09
N GLN A 114 10.13 -5.92 26.24
CA GLN A 114 9.10 -4.89 26.31
C GLN A 114 8.92 -4.19 24.97
N TYR A 115 7.74 -3.60 24.82
CA TYR A 115 7.28 -2.98 23.58
C TYR A 115 6.96 -1.54 23.92
N LEU A 116 7.83 -0.63 23.48
CA LEU A 116 7.66 0.77 23.84
C LEU A 116 6.74 1.50 22.89
N GLU A 117 6.58 1.02 21.66
CA GLU A 117 5.70 1.64 20.68
C GLU A 117 5.23 0.58 19.70
N GLY A 118 3.95 0.67 19.29
CA GLY A 118 3.37 -0.20 18.28
C GLY A 118 2.91 -1.54 18.79
N GLY A 119 2.96 -1.77 20.10
CA GLY A 119 2.71 -3.08 20.66
C GLY A 119 1.34 -3.65 20.34
N SER A 120 0.31 -2.79 20.25
CA SER A 120 -1.05 -3.24 20.02
C SER A 120 -1.38 -3.37 18.53
N GLN A 121 -0.41 -3.12 17.64
CA GLN A 121 -0.61 -3.45 16.24
C GLN A 121 0.28 -4.56 15.71
N PHE A 122 1.31 -4.98 16.45
CA PHE A 122 2.24 -6.01 15.96
C PHE A 122 2.57 -7.11 16.95
N THR A 123 1.92 -7.18 18.09
CA THR A 123 2.17 -8.26 19.04
C THR A 123 0.86 -8.90 19.48
N ASN A 124 1.02 -9.85 20.40
CA ASN A 124 -0.06 -10.73 20.84
C ASN A 124 -0.62 -11.37 19.57
N THR A 125 -1.89 -11.19 19.28
CA THR A 125 -2.38 -11.82 18.05
C THR A 125 -1.78 -11.29 16.75
N LYS A 126 -1.16 -10.12 16.74
CA LYS A 126 -0.74 -9.57 15.47
C LYS A 126 0.74 -9.83 15.22
N GLY A 127 1.19 -9.34 14.07
CA GLY A 127 2.50 -9.65 13.54
C GLY A 127 2.60 -9.06 12.16
N PHE A 128 3.75 -9.27 11.53
CA PHE A 128 3.99 -8.66 10.22
C PHE A 128 3.50 -9.59 9.13
N ARG A 129 2.86 -9.02 8.11
CA ARG A 129 2.08 -9.85 7.20
C ARG A 129 3.00 -10.61 6.25
N PRO A 130 2.60 -11.81 5.86
CA PRO A 130 3.32 -12.55 4.83
C PRO A 130 3.48 -11.72 3.56
N GLY A 131 4.58 -11.96 2.85
CA GLY A 131 4.83 -11.30 1.59
C GLY A 131 5.12 -9.83 1.67
N SER A 132 5.58 -9.34 2.81
CA SER A 132 5.78 -7.91 3.00
C SER A 132 7.24 -7.58 3.32
N THR A 133 7.60 -6.32 3.07
CA THR A 133 8.91 -5.79 3.45
C THR A 133 8.88 -5.15 4.84
N VAL A 134 9.84 -5.51 5.66
CA VAL A 134 9.96 -4.95 7.00
C VAL A 134 11.37 -4.41 7.17
N GLN A 135 11.50 -3.23 7.74
CA GLN A 135 12.84 -2.69 7.98
C GLN A 135 13.18 -2.95 9.44
N LEU A 136 14.31 -3.61 9.66
CA LEU A 136 14.76 -4.05 10.97
C LEU A 136 16.05 -3.32 11.30
N THR A 137 16.02 -2.52 12.35
CA THR A 137 17.17 -1.80 12.89
C THR A 137 17.44 -2.36 14.28
N ILE A 138 18.69 -2.72 14.57
CA ILE A 138 19.06 -3.31 15.85
C ILE A 138 20.18 -2.48 16.45
N TYR A 139 19.95 -1.97 17.66
CA TYR A 139 20.97 -1.29 18.46
C TYR A 139 21.50 -2.30 19.47
N LYS A 140 22.76 -2.70 19.31
CA LYS A 140 23.33 -3.65 20.26
C LYS A 140 23.29 -3.11 21.69
N ASN A 141 23.63 -1.84 21.87
CA ASN A 141 23.75 -1.26 23.21
C ASN A 141 23.35 0.20 23.11
N LEU A 142 22.14 0.51 23.55
CA LEU A 142 21.61 1.88 23.54
C LEU A 142 21.28 2.19 25.00
N ASN A 143 22.20 2.88 25.70
CA ASN A 143 22.07 3.11 27.15
C ASN A 143 21.94 1.79 27.91
N GLY A 144 22.76 0.81 27.54
CA GLY A 144 22.69 -0.45 28.21
C GLY A 144 21.56 -1.35 27.78
N ASN A 145 20.66 -0.88 26.93
CA ASN A 145 19.55 -1.71 26.48
C ASN A 145 19.79 -2.20 25.06
N THR A 146 19.17 -3.32 24.71
CA THR A 146 19.28 -3.80 23.34
C THR A 146 17.96 -3.49 22.65
N ARG A 147 18.00 -2.72 21.57
CA ARG A 147 16.77 -2.24 20.96
C ARG A 147 16.64 -2.75 19.51
N ALA A 148 15.44 -3.25 19.16
CA ALA A 148 15.10 -3.60 17.79
C ALA A 148 13.89 -2.82 17.34
N THR A 149 13.99 -2.18 16.19
CA THR A 149 12.90 -1.36 15.66
C THR A 149 12.47 -1.92 14.33
N TYR A 150 11.16 -2.13 14.18
CA TYR A 150 10.59 -2.66 12.96
C TYR A 150 9.70 -1.60 12.31
N TRP A 151 9.85 -1.44 11.01
CA TRP A 151 8.89 -0.68 10.23
C TRP A 151 8.24 -1.68 9.27
N GLY A 152 6.91 -1.77 9.31
CA GLY A 152 6.25 -2.82 8.55
C GLY A 152 4.73 -2.75 8.61
N THR A 153 4.10 -3.77 8.03
CA THR A 153 2.65 -3.77 7.93
C THR A 153 2.11 -5.05 8.55
N ASN A 154 1.05 -4.91 9.34
CA ASN A 154 0.53 -6.09 10.01
C ASN A 154 -0.57 -6.72 9.15
N ASN A 155 -1.17 -7.79 9.68
CA ASN A 155 -2.13 -8.58 8.96
C ASN A 155 -3.32 -7.75 8.52
N ALA A 156 -3.75 -6.82 9.36
CA ALA A 156 -4.89 -5.97 9.04
C ALA A 156 -4.57 -4.92 8.00
N GLY A 157 -3.28 -4.68 7.74
CA GLY A 157 -2.87 -3.66 6.80
C GLY A 157 -2.43 -2.36 7.42
N TYR A 158 -2.36 -2.26 8.74
CA TYR A 158 -1.77 -1.09 9.42
C TYR A 158 -0.27 -1.00 9.11
N ASN A 159 0.21 0.19 8.73
CA ASN A 159 1.63 0.41 8.42
C ASN A 159 2.29 1.31 9.47
N GLY A 160 3.23 0.77 10.24
CA GLY A 160 3.77 1.49 11.39
C GLY A 160 5.05 0.91 11.98
N ARG A 161 5.40 1.42 13.17
CA ARG A 161 6.64 1.12 13.89
C ARG A 161 6.32 0.27 15.12
N LEU A 162 7.12 -0.75 15.33
CA LEU A 162 7.21 -1.40 16.62
C LEU A 162 8.61 -1.11 17.17
N ILE A 163 8.67 -0.65 18.42
CA ILE A 163 9.94 -0.52 19.15
C ILE A 163 9.92 -1.58 20.24
N SER A 164 10.87 -2.50 20.20
CA SER A 164 11.04 -3.45 21.29
C SER A 164 12.46 -3.37 21.87
N GLU A 165 12.58 -3.80 23.12
CA GLU A 165 13.86 -3.73 23.81
C GLU A 165 13.87 -4.81 24.86
N ILE A 166 15.05 -5.35 25.10
CA ILE A 166 15.35 -6.01 26.37
C ILE A 166 16.21 -5.05 27.15
N SER A 167 15.85 -4.81 28.41
CA SER A 167 16.66 -3.87 29.17
C SER A 167 17.77 -4.62 29.89
N LYS A 168 18.86 -3.89 30.15
CA LYS A 168 19.90 -4.32 31.06
C LYS A 168 20.64 -5.52 30.49
N THR A 169 20.78 -5.52 29.18
CA THR A 169 21.64 -6.48 28.50
C THR A 169 23.11 -6.06 28.55
N ASN A 170 23.39 -4.76 28.56
CA ASN A 170 24.76 -4.23 28.66
C ASN A 170 25.74 -4.99 27.79
N VAL A 171 25.41 -5.11 26.51
CA VAL A 171 26.26 -5.82 25.57
C VAL A 171 27.52 -5.02 25.32
N GLY A 172 28.68 -5.66 25.47
CA GLY A 172 29.95 -5.02 25.18
C GLY A 172 30.54 -5.46 23.86
N SER A 173 31.64 -6.21 23.91
CA SER A 173 32.34 -6.64 22.70
C SER A 173 31.52 -7.63 21.91
N ILE A 174 31.43 -7.40 20.60
CA ILE A 174 30.77 -8.32 19.67
C ILE A 174 31.77 -8.65 18.57
N SER A 175 31.70 -9.86 18.02
CA SER A 175 32.64 -10.26 16.97
CA SER A 175 32.64 -10.25 16.97
C SER A 175 32.06 -10.12 15.57
N LYS A 176 30.78 -10.43 15.37
CA LYS A 176 30.14 -10.31 14.07
C LYS A 176 28.63 -10.31 14.24
N TRP A 177 27.92 -10.05 13.15
CA TRP A 177 26.48 -10.13 13.05
C TRP A 177 26.12 -11.27 12.10
N LYS A 178 24.86 -11.74 12.20
CA LYS A 178 24.37 -12.89 11.45
C LYS A 178 23.10 -12.55 10.68
N ALA A 179 22.73 -13.52 9.81
CA ALA A 179 21.58 -13.47 8.92
C ALA A 179 21.07 -14.90 8.76
N LEU A 180 19.92 -15.23 9.34
CA LEU A 180 19.51 -16.62 9.42
C LEU A 180 18.09 -16.83 8.92
N ALA A 181 17.85 -18.03 8.39
CA ALA A 181 16.49 -18.52 8.15
C ALA A 181 16.45 -19.99 8.55
N THR A 182 15.59 -20.34 9.50
CA THR A 182 15.65 -21.67 10.07
C THR A 182 14.27 -22.23 10.27
N VAL A 183 14.23 -23.55 10.43
CA VAL A 183 13.17 -24.23 11.18
C VAL A 183 13.83 -24.91 12.38
N ALA A 184 13.38 -24.55 13.59
CA ALA A 184 13.93 -25.10 14.81
C ALA A 184 12.93 -26.03 15.45
N THR A 185 13.43 -26.99 16.20
CA THR A 185 12.53 -27.93 16.83
C THR A 185 13.08 -28.45 18.15
N THR A 186 12.14 -28.83 18.99
CA THR A 186 12.38 -29.61 20.19
C THR A 186 12.08 -31.11 20.00
N GLY A 187 11.29 -31.47 18.99
CA GLY A 187 11.20 -32.84 18.52
C GLY A 187 12.43 -33.21 17.72
N SER A 188 12.30 -34.25 16.87
CA SER A 188 13.41 -34.65 16.01
C SER A 188 13.48 -33.79 14.76
N ARG A 189 14.71 -33.51 14.29
CA ARG A 189 14.91 -32.67 13.11
C ARG A 189 14.59 -33.38 11.80
N GLN A 190 14.60 -34.70 11.80
CA GLN A 190 14.40 -35.45 10.57
C GLN A 190 12.94 -35.55 10.19
N SER A 191 12.03 -35.28 11.11
CA SER A 191 10.62 -35.14 10.77
C SER A 191 10.25 -33.74 10.29
N ILE A 192 11.18 -32.79 10.28
CA ILE A 192 10.88 -31.43 9.83
C ILE A 192 10.59 -31.44 8.34
N LYS A 193 9.68 -30.57 7.92
CA LYS A 193 9.36 -30.43 6.51
C LYS A 193 9.16 -28.94 6.24
N SER A 194 9.81 -28.40 5.21
CA SER A 194 9.62 -26.97 5.02
C SER A 194 9.83 -26.54 3.56
N ASN A 195 9.24 -25.39 3.25
CA ASN A 195 9.56 -24.66 2.03
C ASN A 195 9.15 -23.20 2.21
N PHE A 196 10.14 -22.31 2.30
CA PHE A 196 9.96 -20.86 2.32
C PHE A 196 11.26 -20.19 1.91
N SER A 197 11.13 -18.97 1.37
CA SER A 197 12.31 -18.22 0.98
C SER A 197 12.10 -16.79 1.42
N THR A 198 13.21 -16.16 1.83
CA THR A 198 13.22 -14.83 2.40
C THR A 198 14.46 -14.10 1.88
N SER A 199 14.50 -12.79 2.10
CA SER A 199 15.66 -11.98 1.68
C SER A 199 16.03 -10.95 2.72
N PHE A 200 17.33 -10.72 2.88
CA PHE A 200 17.90 -9.62 3.67
C PHE A 200 18.54 -8.65 2.68
N THR A 201 17.94 -7.50 2.45
CA THR A 201 18.53 -6.52 1.53
C THR A 201 18.92 -5.21 2.22
N ASN A 202 19.75 -4.42 1.52
CA ASN A 202 20.34 -3.15 2.02
C ASN A 202 20.88 -3.28 3.45
N ILE A 203 21.66 -4.34 3.67
CA ILE A 203 22.25 -4.60 4.98
C ILE A 203 23.36 -3.58 5.24
N THR A 204 23.27 -2.88 6.36
CA THR A 204 24.32 -1.95 6.77
C THR A 204 24.56 -2.05 8.27
N ILE A 205 25.78 -1.74 8.67
CA ILE A 205 26.20 -1.75 10.07
C ILE A 205 27.12 -0.54 10.30
N ASP A 206 26.73 0.32 11.23
CA ASP A 206 27.33 1.65 11.38
C ASP A 206 27.27 2.44 10.08
N ASN A 207 26.19 2.26 9.31
CA ASN A 207 25.96 2.92 8.03
C ASN A 207 26.94 2.50 6.95
N LYS A 208 27.70 1.44 7.17
CA LYS A 208 28.56 0.85 6.14
C LYS A 208 27.82 -0.33 5.54
N ALA A 209 27.79 -0.40 4.22
CA ALA A 209 27.32 -1.61 3.56
C ALA A 209 28.24 -2.77 3.88
N ILE A 210 27.68 -3.90 4.30
CA ILE A 210 28.48 -5.10 4.55
C ILE A 210 27.96 -6.23 3.66
N THR A 211 28.91 -6.92 3.06
CA THR A 211 28.60 -8.08 2.25
C THR A 211 28.68 -9.31 3.16
N PRO A 212 27.63 -10.12 3.27
CA PRO A 212 27.71 -11.33 4.10
C PRO A 212 28.50 -12.44 3.44
N VAL A 213 28.92 -13.41 4.26
CA VAL A 213 29.64 -14.59 3.81
C VAL A 213 28.83 -15.80 4.22
N ILE A 214 28.60 -16.73 3.28
CA ILE A 214 27.84 -17.95 3.55
C ILE A 214 28.57 -18.74 4.62
N ASP A 215 27.82 -19.24 5.60
CA ASP A 215 28.42 -20.10 6.63
C ASP A 215 27.88 -21.52 6.55
N THR A 216 26.58 -21.74 6.79
CA THR A 216 26.01 -23.08 6.82
C THR A 216 24.83 -23.17 5.85
N GLN A 217 24.69 -24.33 5.21
CA GLN A 217 23.57 -24.59 4.29
C GLN A 217 23.04 -25.99 4.63
N ASP A 218 21.98 -26.05 5.43
CA ASP A 218 21.38 -27.32 5.89
C ASP A 218 19.95 -27.35 5.36
N PHE A 219 19.70 -28.13 4.30
CA PHE A 219 18.44 -28.04 3.55
C PHE A 219 18.08 -26.59 3.23
N ALA A 220 19.07 -25.81 2.83
CA ALA A 220 18.79 -24.45 2.44
C ALA A 220 19.73 -24.08 1.30
N LYS A 221 19.37 -23.03 0.59
CA LYS A 221 20.20 -22.44 -0.45
C LYS A 221 20.36 -20.95 -0.14
N VAL A 222 21.60 -20.53 0.09
CA VAL A 222 21.94 -19.16 0.49
C VAL A 222 22.70 -18.53 -0.66
N THR A 223 22.20 -17.40 -1.15
CA THR A 223 22.86 -16.64 -2.22
C THR A 223 23.21 -15.26 -1.72
N VAL A 224 24.41 -14.81 -2.04
CA VAL A 224 24.89 -13.50 -1.60
C VAL A 224 25.16 -12.65 -2.83
N SER A 225 24.77 -11.38 -2.76
CA SER A 225 25.13 -10.42 -3.82
C SER A 225 25.29 -9.04 -3.17
N GLY A 226 26.55 -8.66 -2.88
CA GLY A 226 26.74 -7.41 -2.17
C GLY A 226 26.11 -7.48 -0.79
N ASN A 227 25.51 -6.37 -0.34
CA ASN A 227 24.93 -6.36 1.01
C ASN A 227 23.48 -6.82 0.99
N SER A 228 23.27 -7.97 0.36
CA SER A 228 21.98 -8.65 0.32
C SER A 228 22.25 -10.15 0.37
N VAL A 229 21.33 -10.91 0.97
CA VAL A 229 21.48 -12.36 1.04
C VAL A 229 20.09 -12.97 1.01
N SER A 230 19.87 -13.90 0.10
CA SER A 230 18.55 -14.53 -0.04
C SER A 230 18.66 -15.97 0.44
N LEU A 231 17.67 -16.42 1.21
CA LEU A 231 17.72 -17.74 1.84
C LEU A 231 16.42 -18.45 1.51
N SER A 232 16.52 -19.69 1.06
CA SER A 232 15.34 -20.51 0.86
C SER A 232 15.56 -21.81 1.60
N VAL A 233 14.58 -22.24 2.36
CA VAL A 233 14.70 -23.43 3.17
C VAL A 233 13.68 -24.42 2.65
N VAL A 234 14.14 -25.60 2.23
CA VAL A 234 13.29 -26.60 1.58
C VAL A 234 13.67 -27.99 2.09
N LYS A 235 12.75 -28.66 2.76
CA LYS A 235 13.02 -30.05 3.14
C LYS A 235 11.80 -30.95 3.02
N LYS B 32 -5.24 13.88 23.16
CA LYS B 32 -5.90 15.17 23.32
C LYS B 32 -4.99 16.32 22.87
N THR B 33 -5.56 17.24 22.09
CA THR B 33 -4.87 18.41 21.55
C THR B 33 -5.88 19.30 20.81
N ALA B 34 -5.89 20.61 21.09
CA ALA B 34 -6.75 21.56 20.38
C ALA B 34 -5.89 22.65 19.75
N GLU B 35 -5.13 22.25 18.75
CA GLU B 35 -4.47 23.17 17.84
C GLU B 35 -5.50 23.80 16.90
N ALA B 36 -6.75 23.31 16.95
CA ALA B 36 -7.83 23.64 16.03
C ALA B 36 -8.71 24.77 16.51
N GLN B 39 -12.13 23.14 22.50
CA GLN B 39 -12.01 22.81 23.91
C GLN B 39 -10.85 21.95 24.38
N LEU B 40 -10.25 21.14 23.50
CA LEU B 40 -9.31 20.10 23.93
C LEU B 40 -7.86 20.59 24.00
N THR B 41 -7.65 21.88 24.25
CA THR B 41 -6.33 22.38 24.64
C THR B 41 -6.16 22.14 26.14
N ASP B 42 -6.22 20.86 26.51
CA ASP B 42 -6.24 20.44 27.90
C ASP B 42 -4.77 20.58 28.27
N GLY B 43 -4.23 21.78 28.08
CA GLY B 43 -2.88 22.15 28.47
C GLY B 43 -2.83 23.67 28.40
N ILE B 44 -1.60 24.19 28.47
CA ILE B 44 -1.34 25.61 28.45
C ILE B 44 -0.35 25.91 27.33
N GLY B 45 -0.28 27.17 26.95
CA GLY B 45 0.65 27.57 25.93
C GLY B 45 0.17 28.77 25.14
N GLY B 46 0.90 29.05 24.07
CA GLY B 46 0.63 30.20 23.22
C GLY B 46 0.48 29.75 21.78
N ARG B 47 -0.39 30.44 21.05
CA ARG B 47 -0.67 30.05 19.67
C ARG B 47 -0.80 31.30 18.83
N ALA B 48 -0.16 31.30 17.67
CA ALA B 48 -0.37 32.31 16.64
C ALA B 48 -0.73 31.61 15.33
N TYR B 49 -1.53 32.29 14.51
CA TYR B 49 -1.91 31.75 13.22
C TYR B 49 -1.17 32.51 12.12
N LEU B 50 -0.97 31.83 11.00
CA LEU B 50 -0.23 32.35 9.86
C LEU B 50 -1.18 32.21 8.68
N ASN B 51 -1.77 33.33 8.27
CA ASN B 51 -2.96 33.32 7.42
C ASN B 51 -2.56 33.20 5.96
N SER B 52 -2.13 32.01 5.59
CA SER B 52 -1.83 31.66 4.21
C SER B 52 -2.28 30.22 3.98
N THR B 53 -2.80 29.94 2.77
CA THR B 53 -3.21 28.58 2.42
C THR B 53 -2.16 27.84 1.58
N GLY B 54 -0.94 28.35 1.54
CA GLY B 54 0.09 27.80 0.68
C GLY B 54 0.57 26.44 1.14
N ALA B 55 1.40 25.83 0.29
CA ALA B 55 1.71 24.42 0.44
C ALA B 55 3.00 24.14 1.20
N ILE B 56 3.99 25.04 1.17
CA ILE B 56 5.27 24.77 1.80
C ILE B 56 5.61 25.90 2.76
N PHE B 57 5.98 25.53 3.98
CA PHE B 57 6.26 26.40 5.11
C PHE B 57 7.71 26.18 5.54
N VAL B 58 8.41 27.28 5.85
CA VAL B 58 9.76 27.20 6.39
C VAL B 58 9.87 28.19 7.54
N THR B 59 10.68 27.85 8.55
CA THR B 59 10.95 28.74 9.67
C THR B 59 12.23 28.26 10.36
N LYS B 60 12.91 29.17 11.03
CA LYS B 60 13.96 28.80 11.96
C LYS B 60 13.40 28.88 13.37
N ILE B 61 13.58 27.82 14.12
CA ILE B 61 13.17 27.79 15.51
C ILE B 61 14.42 27.89 16.37
N GLN B 62 14.41 28.79 17.35
CA GLN B 62 15.40 28.79 18.42
C GLN B 62 14.85 27.94 19.57
N LEU B 63 15.42 26.80 19.79
CA LEU B 63 14.93 25.99 20.89
C LEU B 63 15.46 26.51 22.24
N PRO B 64 14.65 26.43 23.29
CA PRO B 64 15.04 27.00 24.59
C PRO B 64 16.38 26.43 25.03
N SER B 65 17.20 27.28 25.68
CA SER B 65 18.43 26.76 26.27
C SER B 65 18.15 25.89 27.47
N SER B 66 17.11 26.21 28.25
CA SER B 66 16.67 25.42 29.39
C SER B 66 15.15 25.41 29.45
N ILE B 67 14.59 24.39 30.10
CA ILE B 67 13.13 24.26 30.20
C ILE B 67 12.77 23.61 31.53
N GLN B 68 11.78 24.18 32.21
CA GLN B 68 11.11 23.55 33.33
C GLN B 68 9.72 23.13 32.86
N VAL B 69 9.38 21.86 33.01
CA VAL B 69 8.03 21.39 32.70
C VAL B 69 7.81 20.13 33.50
N SER B 70 6.75 20.08 34.30
CA SER B 70 6.71 19.03 35.33
C SER B 70 5.51 18.11 35.28
N ASN B 71 4.34 18.62 34.94
CA ASN B 71 3.17 17.75 34.94
C ASN B 71 2.56 17.62 33.54
N GLY B 72 3.42 17.56 32.54
CA GLY B 72 2.93 17.43 31.18
C GLY B 72 4.09 17.27 30.23
N THR B 73 3.80 17.47 28.96
CA THR B 73 4.75 17.29 27.87
C THR B 73 4.83 18.60 27.13
N ALA B 74 6.04 19.12 26.92
CA ALA B 74 6.21 20.39 26.23
C ALA B 74 6.37 20.14 24.74
N TYR B 75 5.76 21.00 23.94
CA TYR B 75 5.73 20.87 22.49
C TYR B 75 6.04 22.22 21.84
N ILE B 76 6.77 22.19 20.72
CA ILE B 76 6.95 23.37 19.89
C ILE B 76 6.69 22.97 18.46
N TYR B 77 5.68 23.56 17.83
CA TYR B 77 5.31 22.99 16.54
C TYR B 77 4.50 23.96 15.70
N SER B 78 4.61 23.79 14.39
CA SER B 78 3.73 24.39 13.43
C SER B 78 2.86 23.28 12.84
N GLY B 79 2.36 23.47 11.63
CA GLY B 79 1.32 22.65 11.07
C GLY B 79 0.26 23.56 10.47
N PHE B 80 -0.74 22.95 9.87
CA PHE B 80 -1.85 23.64 9.19
C PHE B 80 -3.21 23.28 9.83
N SER B 81 -4.25 23.96 9.35
CA SER B 81 -5.63 23.83 9.88
C SER B 81 -6.62 23.73 8.71
N GLY B 82 -7.91 23.52 9.00
CA GLY B 82 -8.93 23.36 7.95
C GLY B 82 -9.39 21.90 7.75
N GLY B 83 -9.42 21.41 6.54
CA GLY B 83 -9.90 20.03 6.33
C GLY B 83 -9.06 18.98 7.01
N THR B 84 -7.76 19.18 7.11
CA THR B 84 -6.94 18.13 7.77
C THR B 84 -6.00 18.90 8.69
N GLU B 85 -6.03 18.58 9.98
CA GLU B 85 -5.18 19.29 10.95
C GLU B 85 -3.85 18.59 11.04
N SER B 86 -2.86 19.37 11.45
CA SER B 86 -1.53 18.76 11.58
C SER B 86 -0.78 19.43 12.72
N ASP B 87 -0.02 18.63 13.44
CA ASP B 87 0.90 19.10 14.48
C ASP B 87 2.30 18.65 14.09
N ILE B 88 3.16 19.60 13.71
CA ILE B 88 4.46 19.22 13.15
C ILE B 88 5.63 20.07 13.66
N GLY B 89 6.48 19.46 14.50
CA GLY B 89 7.58 20.17 15.11
C GLY B 89 8.36 19.27 16.06
N PHE B 90 8.35 19.64 17.34
CA PHE B 90 9.23 19.00 18.32
C PHE B 90 8.43 18.65 19.55
N GLN B 91 8.89 17.64 20.29
CA GLN B 91 8.37 17.44 21.63
C GLN B 91 9.55 17.24 22.59
N TYR B 92 9.44 17.78 23.79
CA TYR B 92 10.59 17.76 24.70
C TYR B 92 10.68 16.44 25.44
N SER B 93 11.90 15.91 25.58
CA SER B 93 12.14 14.70 26.37
C SER B 93 12.99 15.06 27.59
N ASP B 94 12.42 14.86 28.78
CA ASP B 94 13.21 15.03 30.01
C ASP B 94 14.24 13.92 30.15
N LYS B 95 13.86 12.67 29.89
CA LYS B 95 14.80 11.56 30.06
C LYS B 95 16.10 11.81 29.28
N TYR B 96 16.01 12.33 28.06
CA TYR B 96 17.21 12.53 27.28
C TYR B 96 17.63 14.00 27.18
N ASN B 97 16.77 14.93 27.60
CA ASN B 97 17.00 16.36 27.51
C ASN B 97 17.30 16.78 26.07
N VAL B 98 16.41 16.36 25.15
CA VAL B 98 16.44 16.83 23.78
C VAL B 98 15.02 17.11 23.27
N TRP B 99 14.97 17.89 22.20
CA TRP B 99 13.73 18.14 21.48
C TRP B 99 13.64 17.14 20.34
N LYS B 100 12.77 16.17 20.52
CA LYS B 100 12.61 15.11 19.57
C LYS B 100 11.69 15.56 18.45
N PRO B 101 11.91 15.05 17.24
CA PRO B 101 11.02 15.40 16.13
C PRO B 101 9.64 14.83 16.43
N TYR B 102 8.62 15.57 15.99
CA TYR B 102 7.26 15.16 16.29
C TYR B 102 6.35 15.55 15.14
N MET B 103 5.51 14.61 14.70
CA MET B 103 4.58 14.93 13.64
C MET B 103 3.36 14.03 13.77
N LYS B 104 2.20 14.66 13.63
CA LYS B 104 0.90 13.99 13.59
C LYS B 104 0.06 14.71 12.54
N VAL B 105 -0.46 13.95 11.56
CA VAL B 105 -1.28 14.52 10.50
C VAL B 105 -2.59 13.77 10.49
N GLY B 106 -3.67 14.47 10.73
CA GLY B 106 -4.97 13.84 10.78
C GLY B 106 -5.02 12.85 11.92
N SER B 107 -5.34 11.60 11.63
CA SER B 107 -5.44 10.62 12.69
C SER B 107 -4.18 9.76 12.82
N LYS B 108 -3.30 9.78 11.84
CA LYS B 108 -2.12 8.93 11.90
C LYS B 108 -0.93 9.74 12.40
N GLY B 109 -0.30 9.25 13.46
CA GLY B 109 0.66 10.00 14.25
C GLY B 109 2.06 9.42 14.33
N GLN B 110 2.77 9.69 15.44
CA GLN B 110 4.17 9.30 15.60
C GLN B 110 4.46 7.84 15.22
N ASP B 111 3.54 6.93 15.50
CA ASP B 111 3.83 5.55 15.13
C ASP B 111 3.88 5.33 13.62
N GLN B 112 3.35 6.25 12.83
CA GLN B 112 3.42 6.13 11.37
C GLN B 112 4.28 7.20 10.71
N VAL B 113 5.17 7.82 11.48
CA VAL B 113 6.26 8.64 10.91
C VAL B 113 7.42 7.77 10.48
N GLN B 114 7.81 7.87 9.21
CA GLN B 114 9.06 7.29 8.75
C GLN B 114 10.13 8.35 8.54
N TYR B 115 11.38 7.95 8.69
CA TYR B 115 12.49 8.88 8.65
C TYR B 115 13.34 8.51 7.44
N LEU B 116 13.26 9.29 6.38
CA LEU B 116 13.90 8.88 5.14
C LEU B 116 15.39 9.17 5.12
N GLU B 117 15.85 10.13 5.93
CA GLU B 117 17.26 10.44 5.96
C GLU B 117 17.57 10.98 7.35
N GLY B 118 18.69 10.57 7.92
CA GLY B 118 19.12 11.12 9.20
C GLY B 118 18.56 10.52 10.46
N GLY B 119 17.86 9.38 10.37
CA GLY B 119 17.21 8.80 11.54
C GLY B 119 18.18 8.45 12.66
N SER B 120 19.38 7.91 12.31
CA SER B 120 20.42 7.51 13.27
C SER B 120 21.12 8.71 14.01
N GLN B 121 20.72 9.96 13.81
CA GLN B 121 21.33 11.11 14.49
C GLN B 121 20.32 11.90 15.29
N PHE B 122 19.03 11.84 14.96
CA PHE B 122 18.03 12.70 15.53
C PHE B 122 16.77 11.96 15.98
N THR B 123 16.81 10.63 16.07
CA THR B 123 15.70 9.89 16.65
C THR B 123 16.24 8.82 17.60
N ASN B 124 15.28 8.13 18.24
CA ASN B 124 15.43 7.25 19.40
C ASN B 124 15.81 7.64 20.81
N THR B 125 16.97 8.26 20.96
CA THR B 125 17.37 8.75 22.25
C THR B 125 18.01 10.06 21.88
N LYS B 126 18.30 10.27 20.61
CA LYS B 126 18.81 11.54 20.10
C LYS B 126 17.65 12.44 19.66
N GLY B 127 17.99 13.70 19.46
CA GLY B 127 17.00 14.71 19.16
C GLY B 127 17.74 15.98 18.81
N PHE B 128 17.05 17.11 18.86
CA PHE B 128 17.73 18.38 18.61
C PHE B 128 18.08 19.06 19.93
N ARG B 129 19.27 19.65 19.97
CA ARG B 129 19.83 20.00 21.27
C ARG B 129 19.26 21.32 21.82
N PRO B 130 19.10 21.41 23.13
CA PRO B 130 18.58 22.64 23.70
C PRO B 130 19.42 23.83 23.25
N GLY B 131 18.78 25.02 23.16
CA GLY B 131 19.54 26.21 22.85
C GLY B 131 19.99 26.37 21.41
N SER B 132 19.67 25.43 20.55
CA SER B 132 20.15 25.48 19.18
C SER B 132 19.03 25.90 18.23
N THR B 133 19.45 26.31 17.03
CA THR B 133 18.54 26.68 15.94
C THR B 133 18.28 25.50 15.02
N VAL B 134 17.04 25.38 14.59
CA VAL B 134 16.65 24.31 13.67
C VAL B 134 15.83 24.94 12.56
N GLN B 135 16.15 24.63 11.32
CA GLN B 135 15.30 25.06 10.23
C GLN B 135 14.25 23.98 9.98
N LEU B 136 12.99 24.33 10.11
CA LEU B 136 11.90 23.39 9.88
C LEU B 136 11.23 23.73 8.57
N THR B 137 11.23 22.78 7.64
CA THR B 137 10.57 22.96 6.34
C THR B 137 9.46 21.92 6.23
N ILE B 138 8.22 22.35 6.04
CA ILE B 138 7.07 21.44 5.96
C ILE B 138 6.44 21.51 4.58
N TYR B 139 6.24 20.33 3.96
CA TYR B 139 5.44 20.15 2.76
C TYR B 139 4.11 19.53 3.16
N LYS B 140 3.01 20.25 2.99
CA LYS B 140 1.71 19.62 3.23
C LYS B 140 1.48 18.45 2.28
N ASN B 141 1.92 18.58 1.02
CA ASN B 141 1.60 17.57 0.01
C ASN B 141 2.73 17.53 -1.01
N LEU B 142 3.54 16.50 -0.90
CA LEU B 142 4.63 16.17 -1.80
C LEU B 142 4.28 14.74 -2.25
N ASN B 143 3.64 14.61 -3.41
CA ASN B 143 3.20 13.30 -3.93
C ASN B 143 2.29 12.56 -2.95
N GLY B 144 1.33 13.30 -2.39
CA GLY B 144 0.39 12.75 -1.43
C GLY B 144 0.92 12.59 -0.03
N ASN B 145 2.19 12.90 0.19
CA ASN B 145 2.89 12.67 1.44
C ASN B 145 3.14 13.99 2.15
N THR B 146 3.03 13.98 3.48
CA THR B 146 3.36 15.13 4.28
C THR B 146 4.76 14.92 4.83
N ARG B 147 5.64 15.85 4.49
CA ARG B 147 7.06 15.76 4.77
C ARG B 147 7.51 16.94 5.60
N ALA B 148 8.37 16.67 6.58
CA ALA B 148 8.97 17.71 7.40
C ALA B 148 10.47 17.51 7.37
N THR B 149 11.19 18.55 6.99
CA THR B 149 12.65 18.46 6.94
C THR B 149 13.20 19.37 8.03
N TYR B 150 14.16 18.85 8.79
CA TYR B 150 14.84 19.58 9.86
C TYR B 150 16.32 19.70 9.51
N TRP B 151 16.88 20.90 9.64
CA TRP B 151 18.34 21.06 9.61
C TRP B 151 18.77 21.54 10.98
N GLY B 152 19.59 20.76 11.67
CA GLY B 152 19.85 21.07 13.06
C GLY B 152 21.01 20.27 13.63
N THR B 153 21.20 20.40 14.95
CA THR B 153 22.36 19.81 15.62
C THR B 153 21.89 18.94 16.77
N ASN B 154 22.40 17.71 16.84
CA ASN B 154 21.90 16.86 17.91
C ASN B 154 22.77 17.08 19.13
N ASN B 155 22.52 16.30 20.18
CA ASN B 155 23.18 16.57 21.45
C ASN B 155 24.67 16.34 21.38
N ALA B 156 25.13 15.42 20.53
CA ALA B 156 26.55 15.15 20.41
C ALA B 156 27.26 16.13 19.49
N GLY B 157 26.53 17.05 18.86
CA GLY B 157 27.08 18.05 17.97
C GLY B 157 27.07 17.69 16.50
N TYR B 158 26.34 16.66 16.10
CA TYR B 158 26.17 16.38 14.68
C TYR B 158 25.23 17.41 14.06
N ASN B 159 25.75 18.12 13.05
CA ASN B 159 25.03 19.16 12.27
C ASN B 159 24.55 18.56 10.94
N GLY B 160 23.23 18.38 10.77
CA GLY B 160 22.74 17.67 9.60
C GLY B 160 21.23 17.71 9.45
N ARG B 161 20.73 16.89 8.52
CA ARG B 161 19.34 16.88 8.06
C ARG B 161 18.60 15.64 8.56
N LEU B 162 17.41 15.85 9.07
CA LEU B 162 16.42 14.80 9.25
C LEU B 162 15.32 15.07 8.25
N ILE B 163 14.94 14.05 7.48
CA ILE B 163 13.75 14.12 6.67
C ILE B 163 12.76 13.14 7.27
N SER B 164 11.59 13.62 7.65
CA SER B 164 10.53 12.77 8.18
C SER B 164 9.30 12.91 7.31
N GLU B 165 8.45 11.89 7.33
CA GLU B 165 7.32 11.95 6.43
C GLU B 165 6.23 11.06 7.00
N ILE B 166 4.98 11.48 6.83
CA ILE B 166 3.86 10.53 6.87
C ILE B 166 3.35 10.34 5.46
N SER B 167 3.18 9.08 5.07
CA SER B 167 2.74 8.72 3.73
C SER B 167 1.22 8.63 3.65
N LYS B 168 0.69 8.95 2.46
CA LYS B 168 -0.73 8.79 2.14
C LYS B 168 -1.62 9.63 3.03
N THR B 169 -1.17 10.86 3.30
CA THR B 169 -2.00 11.84 3.99
C THR B 169 -2.95 12.51 3.01
N ASN B 170 -2.53 12.70 1.76
CA ASN B 170 -3.36 13.30 0.72
C ASN B 170 -4.09 14.52 1.25
N VAL B 171 -3.31 15.40 1.88
CA VAL B 171 -3.84 16.69 2.33
C VAL B 171 -4.34 17.52 1.15
N GLY B 172 -5.61 17.92 1.22
CA GLY B 172 -6.12 18.85 0.20
C GLY B 172 -6.04 20.33 0.58
N SER B 173 -7.17 21.01 0.52
CA SER B 173 -7.21 22.42 0.90
C SER B 173 -6.90 22.57 2.39
N ILE B 174 -6.37 23.73 2.75
CA ILE B 174 -5.90 24.03 4.10
C ILE B 174 -6.34 25.46 4.39
N SER B 175 -6.57 25.76 5.67
CA SER B 175 -7.10 27.09 6.01
CA SER B 175 -7.10 27.09 6.01
C SER B 175 -5.98 28.08 6.35
N LYS B 176 -5.13 27.73 7.32
CA LYS B 176 -3.99 28.58 7.66
C LYS B 176 -2.91 27.69 8.23
N TRP B 177 -1.75 28.26 8.52
CA TRP B 177 -0.73 27.59 9.30
C TRP B 177 -0.71 28.17 10.72
N LYS B 178 -0.01 27.48 11.63
CA LYS B 178 -0.01 27.83 13.03
C LYS B 178 1.40 27.78 13.59
N ALA B 179 1.61 28.48 14.71
CA ALA B 179 2.83 28.41 15.49
C ALA B 179 2.42 28.28 16.94
N LEU B 180 3.02 27.33 17.66
CA LEU B 180 2.64 27.08 19.06
C LEU B 180 3.83 26.69 19.92
N ALA B 181 3.74 27.08 21.20
CA ALA B 181 4.53 26.53 22.29
C ALA B 181 3.56 26.11 23.40
N THR B 182 3.56 24.83 23.74
CA THR B 182 2.57 24.31 24.66
C THR B 182 3.19 23.36 25.67
N VAL B 183 2.48 23.19 26.77
CA VAL B 183 2.56 22.03 27.66
C VAL B 183 1.19 21.35 27.64
N ALA B 184 1.15 20.08 27.22
CA ALA B 184 -0.10 19.35 27.16
C ALA B 184 -0.10 18.27 28.23
N THR B 185 -1.29 17.81 28.62
CA THR B 185 -1.38 16.80 29.67
C THR B 185 -2.63 15.98 29.51
N THR B 186 -2.54 14.70 29.93
CA THR B 186 -3.68 13.84 30.15
C THR B 186 -4.12 13.86 31.60
N GLY B 187 -3.34 14.48 32.48
CA GLY B 187 -3.74 14.73 33.86
C GLY B 187 -4.50 16.01 34.08
N SER B 188 -4.19 16.71 35.19
CA SER B 188 -4.82 17.99 35.53
C SER B 188 -3.92 19.14 35.09
N ARG B 189 -4.42 19.96 34.16
CA ARG B 189 -3.74 21.19 33.73
C ARG B 189 -3.45 22.13 34.89
N GLN B 190 -4.22 22.00 35.98
CA GLN B 190 -4.04 22.84 37.15
C GLN B 190 -2.73 22.53 37.88
N SER B 191 -2.20 21.32 37.75
CA SER B 191 -0.92 21.00 38.36
C SER B 191 0.26 21.21 37.41
N ILE B 192 0.04 21.66 36.17
CA ILE B 192 1.17 22.00 35.30
C ILE B 192 1.97 23.17 35.85
N LYS B 193 3.28 23.03 35.71
CA LYS B 193 4.28 24.07 35.94
C LYS B 193 5.18 24.12 34.72
N SER B 194 5.66 25.32 34.36
CA SER B 194 6.58 25.44 33.22
C SER B 194 7.36 26.75 33.23
N ASN B 195 8.43 26.74 32.44
CA ASN B 195 9.24 27.95 32.16
C ASN B 195 10.11 27.57 30.97
N PHE B 196 9.70 27.99 29.77
CA PHE B 196 10.59 27.91 28.61
C PHE B 196 10.17 28.98 27.62
N SER B 197 11.10 29.36 26.75
CA SER B 197 10.88 30.39 25.75
CA SER B 197 10.87 30.38 25.75
C SER B 197 11.62 29.97 24.48
N THR B 198 10.90 30.04 23.36
CA THR B 198 11.33 29.62 22.04
C THR B 198 10.95 30.75 21.07
N SER B 199 11.41 30.66 19.83
CA SER B 199 11.07 31.66 18.84
CA SER B 199 11.08 31.66 18.83
C SER B 199 11.00 31.02 17.45
N PHE B 200 10.00 31.43 16.69
CA PHE B 200 9.91 31.10 15.26
C PHE B 200 10.43 32.33 14.51
N THR B 201 11.47 32.16 13.71
CA THR B 201 12.02 33.26 12.91
C THR B 201 11.98 32.93 11.43
N ASN B 202 12.04 33.98 10.61
CA ASN B 202 12.09 33.87 9.14
C ASN B 202 11.01 32.95 8.60
N ILE B 203 9.76 33.28 8.93
CA ILE B 203 8.63 32.46 8.52
C ILE B 203 8.29 32.80 7.07
N THR B 204 8.38 31.80 6.20
CA THR B 204 7.92 31.88 4.82
C THR B 204 6.96 30.72 4.51
N ILE B 205 5.91 31.04 3.78
CA ILE B 205 4.97 30.07 3.24
C ILE B 205 4.96 30.33 1.75
N ASP B 206 5.34 29.32 0.96
CA ASP B 206 5.47 29.48 -0.49
C ASP B 206 6.44 30.61 -0.84
N ASN B 207 7.50 30.75 -0.04
CA ASN B 207 8.55 31.77 -0.13
C ASN B 207 8.09 33.20 0.13
N LYS B 208 6.82 33.44 0.47
CA LYS B 208 6.38 34.78 0.88
C LYS B 208 6.54 34.91 2.39
N ALA B 209 6.95 36.09 2.84
CA ALA B 209 7.08 36.36 4.27
C ALA B 209 5.72 36.63 4.89
N ILE B 210 5.38 35.91 5.96
CA ILE B 210 4.07 35.97 6.60
C ILE B 210 4.19 36.43 8.04
N THR B 211 3.41 37.44 8.40
CA THR B 211 3.40 37.95 9.77
C THR B 211 2.36 37.20 10.58
N PRO B 212 2.74 36.46 11.61
CA PRO B 212 1.73 35.72 12.38
C PRO B 212 0.94 36.67 13.26
N VAL B 213 -0.27 36.26 13.61
CA VAL B 213 -1.13 37.06 14.48
C VAL B 213 -1.52 36.23 15.69
N ILE B 214 -1.43 36.84 16.86
CA ILE B 214 -1.60 36.14 18.10
C ILE B 214 -3.02 35.63 18.18
N ASP B 215 -3.18 34.39 18.61
CA ASP B 215 -4.51 33.84 18.71
C ASP B 215 -4.83 33.65 20.20
N THR B 216 -4.13 32.77 20.90
CA THR B 216 -4.39 32.58 22.33
C THR B 216 -3.10 32.72 23.13
N GLN B 217 -3.27 33.19 24.36
CA GLN B 217 -2.20 33.24 25.35
C GLN B 217 -2.75 32.59 26.61
N ASP B 218 -2.24 31.41 26.97
CA ASP B 218 -2.72 30.61 28.09
C ASP B 218 -1.52 30.28 28.98
N PHE B 219 -1.25 31.13 29.98
CA PHE B 219 0.01 31.15 30.73
C PHE B 219 1.21 31.34 29.80
N ALA B 220 1.00 32.11 28.75
CA ALA B 220 1.99 32.35 27.71
C ALA B 220 2.00 33.83 27.43
N LYS B 221 3.14 34.30 26.96
CA LYS B 221 3.31 35.65 26.43
C LYS B 221 3.81 35.49 25.00
N VAL B 222 2.96 35.82 24.02
CA VAL B 222 3.31 35.67 22.62
C VAL B 222 3.65 37.05 22.07
N THR B 223 4.76 37.16 21.35
CA THR B 223 5.16 38.43 20.76
C THR B 223 5.37 38.24 19.26
N VAL B 224 5.11 39.29 18.47
CA VAL B 224 5.23 39.18 17.02
C VAL B 224 6.05 40.38 16.54
N SER B 225 7.01 40.14 15.64
CA SER B 225 7.66 41.24 14.94
C SER B 225 7.86 40.80 13.49
N GLY B 226 6.97 41.25 12.62
CA GLY B 226 7.01 40.74 11.26
C GLY B 226 6.82 39.24 11.20
N ASN B 227 7.60 38.58 10.35
CA ASN B 227 7.57 37.13 10.23
C ASN B 227 8.48 36.45 11.28
N SER B 228 8.27 36.84 12.54
CA SER B 228 8.90 36.19 13.67
C SER B 228 7.94 36.23 14.85
N VAL B 229 7.91 35.17 15.65
CA VAL B 229 7.04 35.14 16.80
C VAL B 229 7.76 34.51 17.97
N SER B 230 7.76 35.20 19.10
CA SER B 230 8.34 34.66 20.34
C SER B 230 7.25 34.18 21.28
N LEU B 231 7.51 33.06 21.93
CA LEU B 231 6.58 32.41 22.85
C LEU B 231 7.34 32.04 24.11
N SER B 232 6.81 32.45 25.27
CA SER B 232 7.36 32.04 26.56
C SER B 232 6.21 31.54 27.42
N VAL B 233 6.28 30.28 27.82
CA VAL B 233 5.20 29.61 28.51
C VAL B 233 5.63 29.46 29.97
N VAL B 234 4.98 30.22 30.85
CA VAL B 234 5.40 30.34 32.26
C VAL B 234 4.16 30.14 33.12
N LYS B 235 4.13 29.05 33.88
CA LYS B 235 3.08 28.86 34.91
C LYS B 235 3.65 28.32 36.23
N LYS C 32 -18.91 12.24 -7.12
CA LYS C 32 -19.89 12.61 -6.10
C LYS C 32 -20.88 11.51 -5.72
N THR C 33 -20.76 11.02 -4.48
CA THR C 33 -21.82 10.26 -3.81
C THR C 33 -22.01 10.83 -2.41
N ALA C 34 -23.15 10.47 -1.78
CA ALA C 34 -23.38 10.81 -0.38
C ALA C 34 -24.21 9.72 0.29
N GLU C 35 -23.59 8.54 0.36
CA GLU C 35 -23.88 7.52 1.35
C GLU C 35 -23.32 7.89 2.72
N ALA C 36 -22.53 8.97 2.79
CA ALA C 36 -21.95 9.49 4.02
C ALA C 36 -22.85 10.50 4.74
N ALA C 37 -24.13 10.57 4.38
CA ALA C 37 -25.14 11.15 5.25
C ALA C 37 -24.91 12.65 5.47
N SER C 38 -24.87 13.39 4.36
CA SER C 38 -24.40 14.77 4.43
C SER C 38 -24.85 14.80 2.99
N GLN C 39 -24.53 15.88 2.26
CA GLN C 39 -25.04 16.12 0.91
C GLN C 39 -25.03 15.39 -0.42
N LEU C 40 -23.81 15.23 -0.96
CA LEU C 40 -23.52 15.00 -2.37
C LEU C 40 -24.44 13.77 -2.35
N THR C 41 -25.52 13.83 -3.13
CA THR C 41 -26.38 12.69 -3.36
C THR C 41 -26.73 13.44 -4.62
N ASP C 42 -25.88 13.40 -5.63
CA ASP C 42 -26.18 14.06 -6.92
C ASP C 42 -27.14 13.04 -7.54
N GLY C 43 -28.35 13.02 -7.05
CA GLY C 43 -29.28 12.10 -7.53
C GLY C 43 -30.47 11.90 -6.66
N ILE C 44 -31.11 10.76 -6.80
CA ILE C 44 -32.29 10.44 -6.09
C ILE C 44 -32.15 8.98 -5.66
N GLY C 45 -32.95 8.57 -4.69
CA GLY C 45 -32.88 7.18 -4.29
C GLY C 45 -33.24 6.99 -2.84
N GLY C 46 -33.25 5.72 -2.43
CA GLY C 46 -33.57 5.33 -1.07
C GLY C 46 -32.35 4.83 -0.34
N ARG C 47 -32.34 5.03 0.97
CA ARG C 47 -31.23 4.54 1.78
C ARG C 47 -31.73 4.08 3.15
N ALA C 48 -31.14 3.00 3.64
CA ALA C 48 -31.43 2.52 4.97
C ALA C 48 -30.11 2.17 5.62
N TYR C 49 -30.04 2.34 6.93
CA TYR C 49 -28.80 1.94 7.57
C TYR C 49 -28.98 0.62 8.30
N LEU C 50 -27.87 -0.11 8.47
CA LEU C 50 -27.91 -1.39 9.15
C LEU C 50 -26.96 -1.24 10.34
N ASN C 51 -27.50 -1.20 11.54
CA ASN C 51 -26.78 -0.62 12.68
C ASN C 51 -25.92 -1.67 13.39
N SER C 52 -24.86 -2.09 12.69
CA SER C 52 -23.92 -3.03 13.26
C SER C 52 -22.53 -2.64 12.76
N THR C 53 -21.52 -2.96 13.56
CA THR C 53 -20.14 -2.61 13.25
C THR C 53 -19.33 -3.82 12.76
N GLY C 54 -19.98 -4.95 12.54
CA GLY C 54 -19.30 -6.16 12.15
C GLY C 54 -18.60 -6.07 10.81
N ALA C 55 -17.80 -7.11 10.55
CA ALA C 55 -16.86 -7.09 9.43
C ALA C 55 -17.36 -7.83 8.20
N ILE C 56 -18.30 -8.76 8.34
CA ILE C 56 -18.78 -9.54 7.22
C ILE C 56 -20.28 -9.33 7.04
N PHE C 57 -20.68 -8.96 5.82
CA PHE C 57 -22.05 -8.63 5.47
C PHE C 57 -22.50 -9.59 4.39
N VAL C 58 -23.75 -10.02 4.50
CA VAL C 58 -24.34 -10.96 3.55
C VAL C 58 -25.79 -10.57 3.32
N THR C 59 -26.24 -10.71 2.09
CA THR C 59 -27.63 -10.46 1.74
C THR C 59 -27.86 -11.08 0.38
N LYS C 60 -29.11 -11.40 0.13
CA LYS C 60 -29.56 -11.79 -1.20
C LYS C 60 -30.30 -10.61 -1.83
N ILE C 61 -29.86 -10.21 -3.02
CA ILE C 61 -30.42 -9.06 -3.73
C ILE C 61 -31.26 -9.57 -4.89
N GLN C 62 -32.54 -9.20 -4.88
CA GLN C 62 -33.43 -9.36 -6.03
C GLN C 62 -33.20 -8.16 -6.94
N LEU C 63 -32.44 -8.36 -8.03
CA LEU C 63 -32.25 -7.30 -8.99
C LEU C 63 -33.58 -7.04 -9.68
N PRO C 64 -33.81 -5.81 -10.15
CA PRO C 64 -35.10 -5.47 -10.76
C PRO C 64 -35.35 -6.32 -11.98
N SER C 65 -36.60 -6.82 -12.10
CA SER C 65 -37.02 -7.45 -13.36
C SER C 65 -37.12 -6.44 -14.50
N SER C 66 -37.36 -5.17 -14.18
CA SER C 66 -37.58 -4.15 -15.19
C SER C 66 -37.06 -2.81 -14.69
N ILE C 67 -36.42 -2.05 -15.59
CA ILE C 67 -35.87 -0.75 -15.28
C ILE C 67 -36.10 0.21 -16.44
N GLN C 68 -36.51 1.42 -16.11
CA GLN C 68 -36.39 2.62 -16.93
C GLN C 68 -35.50 3.60 -16.18
N VAL C 69 -34.45 4.07 -16.82
CA VAL C 69 -33.69 5.17 -16.23
C VAL C 69 -33.23 6.06 -17.36
N SER C 70 -33.62 7.35 -17.33
CA SER C 70 -33.50 8.22 -18.49
C SER C 70 -32.52 9.36 -18.38
N ASN C 71 -31.86 9.57 -17.26
CA ASN C 71 -30.97 10.73 -17.31
C ASN C 71 -29.68 10.55 -16.53
N GLY C 72 -29.53 9.38 -15.93
CA GLY C 72 -28.54 9.19 -14.91
C GLY C 72 -28.24 7.72 -14.93
N THR C 73 -27.50 7.28 -13.92
CA THR C 73 -27.06 5.89 -13.91
C THR C 73 -27.46 5.25 -12.60
N ALA C 74 -28.23 4.18 -12.72
CA ALA C 74 -28.86 3.53 -11.57
C ALA C 74 -27.87 2.62 -10.86
N TYR C 75 -27.84 2.71 -9.53
CA TYR C 75 -26.97 1.90 -8.71
C TYR C 75 -27.81 1.09 -7.71
N ILE C 76 -27.31 -0.08 -7.33
CA ILE C 76 -27.85 -0.77 -6.18
C ILE C 76 -26.67 -1.22 -5.35
N TYR C 77 -26.61 -0.80 -4.08
CA TYR C 77 -25.40 -1.20 -3.40
C TYR C 77 -25.56 -1.19 -1.88
N SER C 78 -24.63 -1.91 -1.25
CA SER C 78 -24.40 -1.85 0.19
C SER C 78 -23.04 -1.22 0.43
N GLY C 79 -22.45 -1.50 1.58
CA GLY C 79 -21.17 -0.93 1.93
C GLY C 79 -21.20 -0.37 3.32
N PHE C 80 -20.05 0.10 3.77
CA PHE C 80 -19.92 0.52 5.15
C PHE C 80 -19.62 2.00 5.22
N SER C 81 -19.84 2.55 6.41
CA SER C 81 -19.70 4.00 6.53
C SER C 81 -19.13 4.41 7.88
N GLY C 82 -18.35 5.48 7.87
CA GLY C 82 -17.71 6.01 9.08
C GLY C 82 -16.34 5.40 9.24
N GLY C 83 -15.29 6.21 9.13
CA GLY C 83 -13.90 5.72 9.26
C GLY C 83 -13.26 5.67 7.90
N THR C 84 -14.02 5.13 6.99
CA THR C 84 -13.79 4.94 5.53
C THR C 84 -15.19 4.62 4.99
N GLU C 85 -15.55 5.15 3.85
CA GLU C 85 -16.91 4.90 3.30
C GLU C 85 -16.78 4.00 2.08
N SER C 86 -17.74 3.14 1.82
CA SER C 86 -17.66 2.27 0.67
C SER C 86 -19.04 2.12 0.02
N ASP C 87 -19.02 1.91 -1.30
CA ASP C 87 -20.22 1.64 -2.13
C ASP C 87 -19.88 0.30 -2.82
N ILE C 88 -20.55 -0.76 -2.43
CA ILE C 88 -20.21 -2.10 -2.97
C ILE C 88 -21.49 -2.75 -3.46
N GLY C 89 -21.64 -2.91 -4.76
CA GLY C 89 -22.79 -3.65 -5.29
C GLY C 89 -22.74 -3.68 -6.81
N PHE C 90 -23.80 -3.13 -7.38
CA PHE C 90 -24.07 -3.17 -8.84
C PHE C 90 -24.29 -1.77 -9.40
N GLN C 91 -24.02 -1.66 -10.69
CA GLN C 91 -24.21 -0.45 -11.51
C GLN C 91 -24.94 -0.89 -12.78
N TYR C 92 -26.01 -0.22 -13.16
CA TYR C 92 -26.76 -0.65 -14.36
C TYR C 92 -26.05 -0.22 -15.65
N SER C 93 -25.85 -1.18 -16.54
CA SER C 93 -25.24 -0.91 -17.83
C SER C 93 -26.32 -0.90 -18.91
N ASP C 94 -26.59 0.26 -19.50
CA ASP C 94 -27.61 0.22 -20.52
C ASP C 94 -27.10 -0.30 -21.84
N LYS C 95 -25.81 -0.19 -22.13
CA LYS C 95 -25.30 -0.75 -23.38
C LYS C 95 -25.45 -2.27 -23.41
N TYR C 96 -25.27 -2.93 -22.27
CA TYR C 96 -25.28 -4.38 -22.23
C TYR C 96 -26.44 -4.93 -21.44
N ASN C 97 -27.32 -4.07 -20.90
CA ASN C 97 -28.55 -4.50 -20.24
C ASN C 97 -28.29 -5.54 -19.15
N VAL C 98 -27.26 -5.29 -18.34
CA VAL C 98 -27.01 -6.10 -17.15
C VAL C 98 -26.57 -5.22 -15.99
N TRP C 99 -26.64 -5.80 -14.79
CA TRP C 99 -26.19 -5.16 -13.56
C TRP C 99 -24.74 -5.58 -13.34
N LYS C 100 -23.83 -4.69 -13.65
CA LYS C 100 -22.40 -4.90 -13.58
C LYS C 100 -21.90 -4.77 -12.14
N PRO C 101 -20.86 -5.52 -11.76
CA PRO C 101 -20.28 -5.32 -10.44
C PRO C 101 -19.77 -3.90 -10.31
N TYR C 102 -19.88 -3.35 -9.09
CA TYR C 102 -19.31 -2.04 -8.83
C TYR C 102 -18.89 -1.99 -7.38
N MET C 103 -17.73 -1.39 -7.14
CA MET C 103 -17.18 -1.27 -5.79
C MET C 103 -16.22 -0.09 -5.75
N LYS C 104 -16.42 0.76 -4.74
CA LYS C 104 -15.50 1.83 -4.37
C LYS C 104 -15.29 1.79 -2.87
N VAL C 105 -14.04 1.93 -2.44
CA VAL C 105 -13.70 1.94 -1.01
C VAL C 105 -12.69 3.05 -0.77
N GLY C 106 -13.08 4.06 -0.01
CA GLY C 106 -12.18 5.18 0.17
C GLY C 106 -11.95 5.82 -1.19
N SER C 107 -10.70 6.23 -1.43
CA SER C 107 -10.32 6.94 -2.64
C SER C 107 -10.01 6.02 -3.82
N LYS C 108 -10.17 4.71 -3.69
CA LYS C 108 -9.85 3.85 -4.82
C LYS C 108 -11.12 3.20 -5.35
N GLY C 109 -11.23 3.16 -6.68
CA GLY C 109 -12.50 2.83 -7.31
C GLY C 109 -12.47 1.68 -8.29
N GLN C 110 -13.39 1.71 -9.25
CA GLN C 110 -13.48 0.61 -10.21
C GLN C 110 -12.14 0.28 -10.84
N ASP C 111 -11.26 1.28 -11.02
CA ASP C 111 -9.99 1.00 -11.68
C ASP C 111 -9.12 0.05 -10.89
N GLN C 112 -9.34 -0.06 -9.58
CA GLN C 112 -8.48 -0.86 -8.72
C GLN C 112 -9.17 -2.11 -8.19
N VAL C 113 -10.32 -2.49 -8.76
CA VAL C 113 -11.00 -3.73 -8.35
C VAL C 113 -10.44 -4.89 -9.16
N GLN C 114 -9.83 -5.85 -8.47
CA GLN C 114 -9.33 -7.04 -9.17
C GLN C 114 -10.34 -8.18 -9.09
N TYR C 115 -10.38 -8.98 -10.13
CA TYR C 115 -11.34 -10.07 -10.19
C TYR C 115 -10.55 -11.37 -10.06
N LEU C 116 -10.55 -11.92 -8.85
CA LEU C 116 -9.80 -13.14 -8.56
C LEU C 116 -10.49 -14.40 -9.07
N GLU C 117 -11.80 -14.37 -9.30
CA GLU C 117 -12.52 -15.56 -9.78
C GLU C 117 -13.78 -15.08 -10.51
N GLY C 118 -14.03 -15.62 -11.70
CA GLY C 118 -15.28 -15.37 -12.42
C GLY C 118 -15.34 -14.13 -13.29
N GLY C 119 -14.22 -13.42 -13.48
CA GLY C 119 -14.23 -12.23 -14.32
C GLY C 119 -14.72 -12.48 -15.73
N SER C 120 -14.40 -13.66 -16.29
CA SER C 120 -14.77 -13.97 -17.66
C SER C 120 -16.25 -14.32 -17.83
N GLN C 121 -17.02 -14.37 -16.75
CA GLN C 121 -18.46 -14.56 -16.92
C GLN C 121 -19.30 -13.46 -16.32
N PHE C 122 -18.74 -12.55 -15.53
CA PHE C 122 -19.53 -11.49 -14.92
C PHE C 122 -18.97 -10.10 -15.10
N THR C 123 -17.88 -9.92 -15.83
CA THR C 123 -17.41 -8.57 -16.08
C THR C 123 -17.17 -8.23 -17.55
N ASN C 124 -16.48 -7.12 -17.79
CA ASN C 124 -16.38 -6.50 -19.11
C ASN C 124 -17.79 -6.23 -19.59
N THR C 125 -18.24 -6.90 -20.64
CA THR C 125 -19.59 -6.64 -21.10
C THR C 125 -20.68 -7.57 -20.60
N LYS C 126 -20.35 -8.37 -19.60
CA LYS C 126 -21.27 -9.28 -18.93
C LYS C 126 -21.61 -8.69 -17.58
N GLY C 127 -22.52 -9.38 -16.88
CA GLY C 127 -22.92 -8.96 -15.55
C GLY C 127 -24.07 -9.82 -15.09
N PHE C 128 -24.78 -9.35 -14.09
CA PHE C 128 -25.85 -10.13 -13.50
C PHE C 128 -27.17 -9.76 -14.17
N ARG C 129 -27.93 -10.77 -14.58
CA ARG C 129 -29.07 -10.52 -15.45
C ARG C 129 -30.23 -9.86 -14.69
N PRO C 130 -31.00 -9.02 -15.36
CA PRO C 130 -32.19 -8.44 -14.72
C PRO C 130 -33.08 -9.52 -14.14
N GLY C 131 -33.70 -9.22 -12.98
CA GLY C 131 -34.68 -10.11 -12.37
C GLY C 131 -34.12 -11.31 -11.61
N SER C 132 -32.82 -11.52 -11.63
CA SER C 132 -32.24 -12.66 -10.95
C SER C 132 -31.90 -12.27 -9.52
N THR C 133 -31.52 -13.27 -8.75
CA THR C 133 -31.15 -13.05 -7.36
C THR C 133 -29.65 -13.23 -7.26
N VAL C 134 -28.99 -12.33 -6.54
CA VAL C 134 -27.55 -12.38 -6.37
C VAL C 134 -27.26 -12.42 -4.88
N GLN C 135 -26.38 -13.32 -4.46
CA GLN C 135 -25.95 -13.33 -3.07
C GLN C 135 -24.66 -12.53 -2.96
N LEU C 136 -24.71 -11.41 -2.25
CA LEU C 136 -23.53 -10.56 -2.05
C LEU C 136 -22.98 -10.78 -0.64
N THR C 137 -21.71 -11.19 -0.54
CA THR C 137 -20.97 -11.20 0.71
C THR C 137 -19.86 -10.16 0.65
N ILE C 138 -19.70 -9.37 1.71
CA ILE C 138 -18.74 -8.28 1.73
C ILE C 138 -17.92 -8.39 3.00
N TYR C 139 -16.61 -8.48 2.86
CA TYR C 139 -15.66 -8.51 3.95
C TYR C 139 -14.98 -7.15 4.00
N LYS C 140 -15.16 -6.42 5.10
CA LYS C 140 -14.61 -5.06 5.13
C LYS C 140 -13.09 -5.09 5.20
N ASN C 141 -12.51 -6.13 5.81
CA ASN C 141 -11.06 -6.22 5.93
C ASN C 141 -10.73 -7.70 6.08
N LEU C 142 -10.38 -8.31 4.96
CA LEU C 142 -9.85 -9.67 4.91
C LEU C 142 -8.37 -9.50 4.61
N ASN C 143 -7.57 -9.35 5.68
CA ASN C 143 -6.12 -9.22 5.61
C ASN C 143 -5.70 -7.91 4.96
N GLY C 144 -6.38 -6.83 5.29
CA GLY C 144 -6.11 -5.56 4.65
C GLY C 144 -6.79 -5.37 3.31
N ASN C 145 -7.58 -6.33 2.84
CA ASN C 145 -8.26 -6.16 1.56
C ASN C 145 -9.76 -6.16 1.79
N THR C 146 -10.50 -5.45 0.92
CA THR C 146 -11.96 -5.44 1.01
C THR C 146 -12.42 -6.35 -0.11
N ARG C 147 -13.10 -7.43 0.25
CA ARG C 147 -13.50 -8.42 -0.73
C ARG C 147 -15.01 -8.45 -0.82
N ALA C 148 -15.52 -8.52 -2.04
CA ALA C 148 -16.94 -8.68 -2.30
C ALA C 148 -17.12 -9.95 -3.12
N THR C 149 -17.96 -10.84 -2.64
CA THR C 149 -18.23 -12.08 -3.36
C THR C 149 -19.68 -12.11 -3.77
N TYR C 150 -19.90 -12.33 -5.06
CA TYR C 150 -21.21 -12.41 -5.68
C TYR C 150 -21.43 -13.83 -6.18
N TRP C 151 -22.60 -14.38 -5.87
CA TRP C 151 -23.08 -15.62 -6.47
C TRP C 151 -24.32 -15.24 -7.27
N GLY C 152 -24.32 -15.54 -8.56
CA GLY C 152 -25.50 -15.23 -9.34
C GLY C 152 -25.45 -15.77 -10.75
N THR C 153 -26.29 -15.18 -11.60
CA THR C 153 -26.48 -15.60 -12.98
C THR C 153 -26.29 -14.47 -13.96
N ASN C 154 -25.47 -14.69 -15.00
CA ASN C 154 -25.22 -13.68 -16.02
C ASN C 154 -26.27 -13.76 -17.12
N ASN C 155 -26.09 -12.92 -18.15
CA ASN C 155 -27.11 -12.75 -19.17
C ASN C 155 -27.35 -14.05 -19.94
N ALA C 156 -26.35 -14.91 -19.98
CA ALA C 156 -26.40 -16.14 -20.76
C ALA C 156 -26.88 -17.34 -19.94
N GLY C 157 -27.29 -17.12 -18.68
CA GLY C 157 -27.73 -18.20 -17.80
C GLY C 157 -26.64 -18.90 -17.03
N TYR C 158 -25.37 -18.49 -17.18
CA TYR C 158 -24.28 -19.04 -16.38
C TYR C 158 -24.48 -18.63 -14.93
N ASN C 159 -24.49 -19.62 -14.04
CA ASN C 159 -24.68 -19.39 -12.60
C ASN C 159 -23.39 -19.78 -11.90
N GLY C 160 -22.77 -18.81 -11.25
CA GLY C 160 -21.55 -19.07 -10.50
C GLY C 160 -21.11 -17.84 -9.72
N ARG C 161 -19.81 -17.80 -9.38
CA ARG C 161 -19.23 -16.86 -8.42
C ARG C 161 -18.37 -15.79 -9.09
N LEU C 162 -18.45 -14.55 -8.57
CA LEU C 162 -17.45 -13.51 -8.85
C LEU C 162 -16.84 -13.05 -7.53
N ILE C 163 -15.52 -13.16 -7.40
CA ILE C 163 -14.80 -12.69 -6.24
C ILE C 163 -14.05 -11.42 -6.66
N SER C 164 -14.49 -10.27 -6.17
CA SER C 164 -13.86 -9.00 -6.47
C SER C 164 -13.22 -8.45 -5.21
N GLU C 165 -12.17 -7.67 -5.40
CA GLU C 165 -11.39 -7.19 -4.26
C GLU C 165 -10.69 -5.89 -4.63
N ILE C 166 -10.62 -4.98 -3.69
CA ILE C 166 -9.61 -3.93 -3.72
C ILE C 166 -8.65 -4.17 -2.59
N SER C 167 -7.37 -4.28 -2.93
CA SER C 167 -6.35 -4.58 -1.96
C SER C 167 -5.86 -3.29 -1.30
N LYS C 168 -5.40 -3.42 -0.06
CA LYS C 168 -4.74 -2.34 0.68
C LYS C 168 -5.73 -1.26 1.04
N THR C 169 -7.00 -1.65 1.19
CA THR C 169 -7.98 -0.72 1.70
C THR C 169 -7.77 -0.43 3.18
N ASN C 170 -7.19 -1.38 3.91
CA ASN C 170 -6.84 -1.25 5.33
C ASN C 170 -7.92 -0.53 6.12
N VAL C 171 -9.12 -1.08 6.08
CA VAL C 171 -10.25 -0.45 6.77
C VAL C 171 -10.18 -0.85 8.24
N GLY C 172 -10.56 0.07 9.13
CA GLY C 172 -10.69 -0.31 10.52
C GLY C 172 -12.08 -0.18 11.08
N SER C 173 -12.22 0.70 12.06
CA SER C 173 -13.50 1.00 12.67
C SER C 173 -14.47 1.54 11.63
N ILE C 174 -15.63 0.88 11.51
CA ILE C 174 -16.77 1.39 10.77
C ILE C 174 -17.93 1.59 11.74
N SER C 175 -18.86 2.49 11.38
CA SER C 175 -19.95 2.85 12.27
CA SER C 175 -19.95 2.86 12.26
C SER C 175 -21.24 2.09 11.99
N LYS C 176 -21.42 1.54 10.78
CA LYS C 176 -22.69 0.98 10.36
C LYS C 176 -22.46 0.44 8.95
N TRP C 177 -23.51 -0.13 8.38
CA TRP C 177 -23.50 -0.65 7.03
C TRP C 177 -24.70 0.01 6.35
N LYS C 178 -24.81 -0.09 5.02
CA LYS C 178 -25.88 0.59 4.30
C LYS C 178 -26.53 -0.31 3.24
N ALA C 179 -27.64 0.21 2.71
CA ALA C 179 -28.41 -0.38 1.63
C ALA C 179 -29.02 0.75 0.82
N LEU C 180 -28.64 0.84 -0.45
CA LEU C 180 -29.12 1.91 -1.30
C LEU C 180 -29.63 1.39 -2.63
N ALA C 181 -30.55 2.16 -3.20
CA ALA C 181 -30.88 2.12 -4.61
C ALA C 181 -30.98 3.57 -5.02
N THR C 182 -30.23 3.94 -6.05
CA THR C 182 -30.10 5.33 -6.44
C THR C 182 -30.02 5.47 -7.95
N VAL C 183 -30.39 6.65 -8.43
CA VAL C 183 -29.94 7.15 -9.71
C VAL C 183 -29.03 8.34 -9.46
N ALA C 184 -27.77 8.20 -9.85
CA ALA C 184 -26.74 9.24 -9.69
C ALA C 184 -26.54 9.92 -11.02
N THR C 185 -26.24 11.20 -11.01
CA THR C 185 -26.03 11.86 -12.28
C THR C 185 -24.71 12.62 -12.25
N THR C 186 -24.33 13.12 -13.41
CA THR C 186 -23.22 14.06 -13.47
C THR C 186 -23.70 15.47 -13.72
N GLY C 187 -24.89 15.60 -14.30
CA GLY C 187 -25.50 16.89 -14.56
C GLY C 187 -26.64 17.13 -13.60
N SER C 188 -27.81 17.49 -14.13
CA SER C 188 -28.92 17.92 -13.30
C SER C 188 -29.68 16.72 -12.74
N ARG C 189 -29.72 16.60 -11.41
CA ARG C 189 -30.65 15.68 -10.77
C ARG C 189 -32.08 16.04 -11.16
N GLN C 190 -32.33 17.32 -11.44
CA GLN C 190 -33.66 17.77 -11.79
C GLN C 190 -34.19 17.10 -13.05
N SER C 191 -33.32 16.53 -13.87
CA SER C 191 -33.77 15.93 -15.12
C SER C 191 -33.85 14.40 -15.09
N ILE C 192 -33.51 13.78 -13.96
CA ILE C 192 -33.63 12.33 -13.86
C ILE C 192 -35.07 11.88 -14.03
N LYS C 193 -35.25 10.84 -14.84
CA LYS C 193 -36.44 10.00 -14.90
C LYS C 193 -36.03 8.57 -14.58
N SER C 194 -36.89 7.84 -13.88
CA SER C 194 -36.52 6.50 -13.47
C SER C 194 -37.74 5.73 -12.98
N ASN C 195 -37.66 4.40 -13.09
CA ASN C 195 -38.60 3.54 -12.38
C ASN C 195 -37.97 2.15 -12.28
N PHE C 196 -37.56 1.75 -11.08
CA PHE C 196 -37.09 0.40 -10.82
C PHE C 196 -37.23 0.10 -9.32
N SER C 197 -37.34 -1.19 -8.99
CA SER C 197 -37.44 -1.63 -7.60
CA SER C 197 -37.41 -1.60 -7.60
C SER C 197 -36.61 -2.88 -7.38
N THR C 198 -36.05 -2.99 -6.16
CA THR C 198 -35.14 -4.05 -5.77
C THR C 198 -35.30 -4.29 -4.27
N SER C 199 -34.82 -5.44 -3.82
CA SER C 199 -34.92 -5.83 -2.42
CA SER C 199 -34.91 -5.79 -2.42
C SER C 199 -33.60 -6.40 -1.94
N PHE C 200 -33.22 -6.03 -0.71
CA PHE C 200 -32.15 -6.66 0.06
C PHE C 200 -32.81 -7.61 1.04
N THR C 201 -32.50 -8.89 0.95
CA THR C 201 -33.14 -9.87 1.80
C THR C 201 -32.10 -10.68 2.57
N ASN C 202 -32.59 -11.38 3.60
CA ASN C 202 -31.78 -12.27 4.46
C ASN C 202 -30.51 -11.58 4.91
N ILE C 203 -30.63 -10.32 5.30
CA ILE C 203 -29.46 -9.55 5.68
C ILE C 203 -28.89 -10.10 6.98
N THR C 204 -27.60 -10.45 6.97
CA THR C 204 -26.88 -10.75 8.20
C THR C 204 -25.53 -10.02 8.19
N ILE C 205 -25.05 -9.65 9.38
CA ILE C 205 -23.72 -9.09 9.60
C ILE C 205 -23.07 -9.87 10.73
N ASP C 206 -21.91 -10.46 10.46
CA ASP C 206 -21.29 -11.43 11.38
C ASP C 206 -22.29 -12.49 11.82
N ASN C 207 -23.04 -13.02 10.85
CA ASN C 207 -23.96 -14.15 11.00
C ASN C 207 -25.21 -13.83 11.81
N LYS C 208 -25.46 -12.57 12.15
CA LYS C 208 -26.65 -12.13 12.89
C LYS C 208 -27.58 -11.34 11.99
N ALA C 209 -28.86 -11.68 12.02
CA ALA C 209 -29.86 -10.94 11.26
C ALA C 209 -29.98 -9.53 11.79
N ILE C 210 -29.92 -8.53 10.90
CA ILE C 210 -30.09 -7.13 11.27
C ILE C 210 -31.29 -6.54 10.54
N THR C 211 -32.11 -5.79 11.26
CA THR C 211 -33.21 -5.05 10.66
C THR C 211 -32.74 -3.68 10.19
N PRO C 212 -32.86 -3.36 8.90
CA PRO C 212 -32.50 -2.01 8.46
C PRO C 212 -33.46 -0.97 9.03
N VAL C 213 -32.96 0.25 9.08
CA VAL C 213 -33.68 1.40 9.58
C VAL C 213 -33.71 2.43 8.44
N ILE C 214 -34.91 2.89 8.09
CA ILE C 214 -35.04 3.83 7.00
C ILE C 214 -34.26 5.09 7.33
N ASP C 215 -33.55 5.60 6.33
CA ASP C 215 -32.85 6.87 6.48
C ASP C 215 -33.44 7.90 5.51
N THR C 216 -33.12 7.83 4.23
CA THR C 216 -33.51 8.89 3.30
C THR C 216 -34.43 8.33 2.24
N GLN C 217 -35.43 9.12 1.84
CA GLN C 217 -36.31 8.79 0.72
C GLN C 217 -36.40 10.02 -0.17
N ASP C 218 -35.85 9.93 -1.38
CA ASP C 218 -35.85 11.03 -2.34
C ASP C 218 -36.24 10.46 -3.70
N PHE C 219 -37.47 10.76 -4.13
CA PHE C 219 -38.10 10.05 -5.24
C PHE C 219 -37.91 8.55 -5.09
N ALA C 220 -38.14 8.04 -3.88
CA ALA C 220 -38.06 6.61 -3.64
C ALA C 220 -38.99 6.23 -2.48
N LYS C 221 -39.38 4.97 -2.46
CA LYS C 221 -40.16 4.37 -1.38
C LYS C 221 -39.34 3.23 -0.77
N VAL C 222 -39.02 3.36 0.52
CA VAL C 222 -38.24 2.37 1.25
C VAL C 222 -39.18 1.68 2.23
N THR C 223 -39.14 0.34 2.25
CA THR C 223 -40.01 -0.46 3.10
C THR C 223 -39.18 -1.56 3.75
N VAL C 224 -39.39 -1.79 5.05
CA VAL C 224 -38.55 -2.69 5.83
C VAL C 224 -39.43 -3.80 6.40
N SER C 225 -38.92 -5.02 6.41
CA SER C 225 -39.68 -6.16 6.91
C SER C 225 -38.69 -7.15 7.49
N GLY C 226 -38.39 -7.01 8.78
CA GLY C 226 -37.35 -7.82 9.40
C GLY C 226 -36.01 -7.53 8.75
N ASN C 227 -35.14 -8.54 8.72
CA ASN C 227 -33.89 -8.38 7.98
C ASN C 227 -34.33 -8.50 6.51
N SER C 228 -34.92 -7.43 5.98
CA SER C 228 -35.21 -7.30 4.54
C SER C 228 -35.60 -5.83 4.37
N VAL C 229 -35.21 -5.27 3.24
CA VAL C 229 -35.61 -3.91 2.88
C VAL C 229 -35.91 -3.91 1.40
N SER C 230 -36.98 -3.22 1.03
CA SER C 230 -37.41 -3.06 -0.34
C SER C 230 -37.36 -1.57 -0.67
N LEU C 231 -36.95 -1.26 -1.90
CA LEU C 231 -36.66 0.11 -2.33
C LEU C 231 -37.18 0.25 -3.77
N SER C 232 -38.00 1.26 -4.04
CA SER C 232 -38.44 1.50 -5.41
C SER C 232 -38.19 2.96 -5.73
N VAL C 233 -37.54 3.22 -6.87
CA VAL C 233 -37.03 4.55 -7.19
C VAL C 233 -37.82 5.05 -8.39
N VAL C 234 -38.70 6.02 -8.16
CA VAL C 234 -39.67 6.42 -9.16
C VAL C 234 -39.64 7.94 -9.30
N LYS C 235 -39.40 8.40 -10.52
CA LYS C 235 -39.43 9.83 -10.84
C LYS C 235 -39.90 9.99 -12.29
N GLN D 39 8.95 -13.56 -43.35
CA GLN D 39 10.10 -13.25 -42.48
C GLN D 39 10.51 -11.80 -42.71
N LEU D 40 9.93 -10.91 -41.90
CA LEU D 40 10.30 -9.50 -41.87
C LEU D 40 10.67 -9.08 -40.44
N THR D 41 11.04 -10.03 -39.56
CA THR D 41 11.40 -9.73 -38.19
C THR D 41 12.57 -8.81 -38.53
N ASP D 42 12.40 -7.52 -38.22
CA ASP D 42 13.34 -6.45 -38.56
C ASP D 42 14.08 -6.19 -37.24
N GLY D 43 14.61 -7.25 -36.64
CA GLY D 43 15.24 -7.13 -35.35
C GLY D 43 15.74 -8.47 -34.90
N ILE D 44 16.12 -8.55 -33.62
CA ILE D 44 16.42 -9.81 -32.97
C ILE D 44 15.27 -10.12 -32.03
N GLY D 45 15.20 -11.34 -31.57
CA GLY D 45 14.21 -11.69 -30.57
C GLY D 45 13.75 -13.12 -30.73
N GLY D 46 12.95 -13.56 -29.75
CA GLY D 46 12.46 -14.93 -29.71
C GLY D 46 10.97 -14.96 -29.99
N ARG D 47 10.50 -16.07 -30.55
CA ARG D 47 9.09 -16.19 -30.85
C ARG D 47 8.61 -17.60 -30.56
N ALA D 48 7.49 -17.71 -29.86
CA ALA D 48 6.80 -18.98 -29.71
C ALA D 48 5.37 -18.79 -30.20
N TYR D 49 4.73 -19.89 -30.58
CA TYR D 49 3.35 -19.81 -31.04
C TYR D 49 2.43 -20.58 -30.11
N LEU D 50 1.21 -20.07 -30.00
CA LEU D 50 0.17 -20.67 -29.17
C LEU D 50 -0.89 -21.19 -30.16
N ASN D 51 -0.95 -22.50 -30.34
CA ASN D 51 -1.80 -23.09 -31.39
C ASN D 51 -3.19 -23.35 -30.84
N SER D 52 -3.97 -22.27 -30.79
CA SER D 52 -5.42 -22.30 -30.54
C SER D 52 -6.03 -21.27 -31.47
N THR D 53 -7.30 -21.47 -31.84
CA THR D 53 -8.01 -20.47 -32.63
C THR D 53 -8.99 -19.65 -31.80
N GLY D 54 -8.91 -19.76 -30.47
CA GLY D 54 -9.83 -19.09 -29.59
C GLY D 54 -9.67 -17.58 -29.58
N ALA D 55 -10.69 -16.93 -29.02
CA ALA D 55 -10.86 -15.49 -29.13
C ALA D 55 -10.34 -14.73 -27.92
N ILE D 56 -10.20 -15.40 -26.78
CA ILE D 56 -9.88 -14.72 -25.54
C ILE D 56 -8.63 -15.35 -24.95
N PHE D 57 -7.58 -14.55 -24.86
CA PHE D 57 -6.23 -14.91 -24.44
C PHE D 57 -5.88 -14.18 -23.16
N VAL D 58 -5.32 -14.90 -22.19
CA VAL D 58 -4.86 -14.24 -20.97
C VAL D 58 -3.50 -14.80 -20.60
N THR D 59 -2.68 -13.92 -20.05
CA THR D 59 -1.40 -14.32 -19.49
C THR D 59 -1.00 -13.21 -18.54
N LYS D 60 -0.37 -13.57 -17.44
CA LYS D 60 0.27 -12.58 -16.60
C LYS D 60 1.74 -12.54 -17.02
N ILE D 61 2.25 -11.34 -17.33
CA ILE D 61 3.60 -11.18 -17.88
C ILE D 61 4.51 -10.58 -16.82
N GLN D 62 5.65 -11.23 -16.56
CA GLN D 62 6.69 -10.66 -15.70
C GLN D 62 7.65 -9.86 -16.59
N LEU D 63 7.48 -8.53 -16.58
CA LEU D 63 8.35 -7.63 -17.32
C LEU D 63 9.77 -7.70 -16.74
N PRO D 64 10.79 -7.37 -17.53
CA PRO D 64 12.16 -7.49 -17.04
C PRO D 64 12.41 -6.59 -15.83
N SER D 65 13.11 -7.13 -14.84
CA SER D 65 13.67 -6.31 -13.77
C SER D 65 14.85 -5.46 -14.25
N SER D 66 15.53 -5.88 -15.32
CA SER D 66 16.66 -5.10 -15.83
C SER D 66 16.65 -5.16 -17.34
N ILE D 67 17.23 -4.14 -17.96
CA ILE D 67 17.28 -4.06 -19.41
C ILE D 67 18.48 -3.22 -19.82
N GLN D 68 19.13 -3.64 -20.89
CA GLN D 68 19.98 -2.80 -21.70
C GLN D 68 19.49 -2.97 -23.13
N VAL D 69 19.25 -1.85 -23.83
CA VAL D 69 18.98 -1.88 -25.26
C VAL D 69 19.69 -0.67 -25.87
N SER D 70 20.54 -0.89 -26.86
CA SER D 70 21.48 0.16 -27.24
C SER D 70 21.30 0.73 -28.65
N ASN D 71 20.53 0.09 -29.54
CA ASN D 71 20.27 0.71 -30.83
C ASN D 71 18.95 0.26 -31.45
N GLY D 72 17.96 -0.04 -30.63
CA GLY D 72 16.66 -0.38 -31.16
C GLY D 72 15.62 -0.14 -30.10
N THR D 73 14.41 -0.62 -30.38
CA THR D 73 13.29 -0.52 -29.46
C THR D 73 12.88 -1.92 -29.01
N ALA D 74 12.80 -2.10 -27.69
CA ALA D 74 12.45 -3.38 -27.08
C ALA D 74 10.94 -3.50 -26.91
N TYR D 75 10.37 -4.62 -27.38
CA TYR D 75 8.94 -4.89 -27.30
C TYR D 75 8.73 -6.24 -26.63
N ILE D 76 7.61 -6.39 -25.95
CA ILE D 76 7.17 -7.70 -25.44
C ILE D 76 5.71 -7.79 -25.81
N TYR D 77 5.32 -8.82 -26.54
CA TYR D 77 3.93 -8.75 -26.95
C TYR D 77 3.41 -10.11 -27.35
N SER D 78 2.10 -10.26 -27.17
CA SER D 78 1.34 -11.35 -27.78
C SER D 78 0.46 -10.72 -28.85
N GLY D 79 -0.47 -11.50 -29.38
CA GLY D 79 -1.29 -11.13 -30.49
C GLY D 79 -1.60 -12.40 -31.24
N PHE D 80 -2.32 -12.24 -32.34
CA PHE D 80 -2.80 -13.41 -33.08
C PHE D 80 -2.33 -13.36 -34.52
N SER D 81 -2.46 -14.50 -35.20
CA SER D 81 -1.87 -14.69 -36.51
C SER D 81 -2.90 -15.24 -37.50
N GLY D 82 -2.68 -14.97 -38.79
CA GLY D 82 -3.30 -15.74 -39.84
C GLY D 82 -4.52 -15.15 -40.55
N GLY D 83 -4.50 -13.87 -40.86
CA GLY D 83 -5.66 -13.16 -41.37
C GLY D 83 -5.94 -12.01 -40.43
N THR D 84 -5.51 -10.81 -40.82
CA THR D 84 -5.32 -9.69 -39.90
C THR D 84 -4.51 -9.41 -38.63
N GLU D 85 -3.18 -9.48 -38.73
CA GLU D 85 -2.23 -9.81 -37.68
C GLU D 85 -2.42 -8.83 -36.54
N SER D 86 -1.82 -9.13 -35.39
CA SER D 86 -1.85 -8.19 -34.29
C SER D 86 -0.59 -8.38 -33.47
N ASP D 87 -0.13 -7.28 -32.87
CA ASP D 87 1.02 -7.26 -31.98
C ASP D 87 0.54 -6.52 -30.73
N ILE D 88 0.30 -7.23 -29.64
CA ILE D 88 -0.39 -6.64 -28.51
C ILE D 88 0.38 -6.88 -27.22
N GLY D 89 0.97 -5.81 -26.68
CA GLY D 89 1.76 -5.95 -25.48
C GLY D 89 2.38 -4.64 -25.06
N PHE D 90 3.70 -4.63 -24.93
CA PHE D 90 4.42 -3.51 -24.35
C PHE D 90 5.55 -3.05 -25.26
N GLN D 91 5.94 -1.79 -25.07
CA GLN D 91 7.09 -1.21 -25.74
C GLN D 91 7.87 -0.44 -24.70
N TYR D 92 9.16 -0.76 -24.59
CA TYR D 92 9.99 -0.11 -23.58
C TYR D 92 10.26 1.35 -23.97
N SER D 93 10.00 2.25 -23.03
CA SER D 93 10.28 3.68 -23.18
C SER D 93 11.61 3.98 -22.52
N ASP D 94 12.63 4.30 -23.34
CA ASP D 94 13.90 4.77 -22.81
C ASP D 94 13.75 6.11 -22.11
N LYS D 95 12.89 6.99 -22.67
CA LYS D 95 12.73 8.33 -22.14
C LYS D 95 12.19 8.28 -20.70
N TYR D 96 11.24 7.39 -20.43
CA TYR D 96 10.55 7.37 -19.16
C TYR D 96 10.80 6.11 -18.36
N ASN D 97 11.66 5.19 -18.82
CA ASN D 97 12.03 4.00 -18.04
C ASN D 97 10.83 3.15 -17.64
N VAL D 98 9.88 3.00 -18.53
CA VAL D 98 8.74 2.14 -18.26
C VAL D 98 8.44 1.33 -19.50
N TRP D 99 7.56 0.36 -19.32
CA TRP D 99 7.00 -0.46 -20.39
C TRP D 99 5.63 0.11 -20.72
N LYS D 100 5.56 0.87 -21.82
CA LYS D 100 4.33 1.52 -22.25
C LYS D 100 3.40 0.52 -22.93
N PRO D 101 2.09 0.77 -22.89
CA PRO D 101 1.17 -0.13 -23.60
C PRO D 101 1.39 -0.01 -25.09
N TYR D 102 1.15 -1.11 -25.81
CA TYR D 102 1.41 -1.15 -27.24
C TYR D 102 0.45 -2.13 -27.90
N MET D 103 -0.20 -1.68 -28.98
CA MET D 103 -1.08 -2.58 -29.71
C MET D 103 -1.27 -2.07 -31.14
N LYS D 104 -1.14 -2.99 -32.09
CA LYS D 104 -1.41 -2.80 -33.52
C LYS D 104 -2.21 -4.00 -33.98
N VAL D 105 -3.29 -3.76 -34.72
CA VAL D 105 -4.13 -4.84 -35.25
C VAL D 105 -4.38 -4.55 -36.71
N GLY D 106 -3.95 -5.46 -37.58
CA GLY D 106 -3.94 -5.19 -39.01
C GLY D 106 -3.15 -3.93 -39.30
N SER D 107 -3.84 -2.97 -39.92
CA SER D 107 -3.31 -1.68 -40.38
C SER D 107 -3.59 -0.53 -39.41
N LYS D 108 -4.33 -0.77 -38.33
CA LYS D 108 -4.53 0.24 -37.30
C LYS D 108 -3.44 0.14 -36.25
N GLY D 109 -2.82 1.28 -35.94
CA GLY D 109 -1.72 1.32 -34.98
C GLY D 109 -2.00 2.11 -33.72
N GLN D 110 -0.94 2.36 -32.93
CA GLN D 110 -1.11 3.05 -31.66
C GLN D 110 -1.87 4.36 -31.78
N ASP D 111 -1.84 5.02 -32.96
CA ASP D 111 -2.63 6.25 -33.10
C ASP D 111 -4.13 5.99 -33.03
N GLN D 112 -4.58 4.76 -33.21
CA GLN D 112 -6.01 4.50 -33.10
C GLN D 112 -6.35 3.68 -31.87
N VAL D 113 -5.46 3.62 -30.88
CA VAL D 113 -5.75 2.88 -29.67
C VAL D 113 -6.44 3.79 -28.67
N GLN D 114 -7.70 3.47 -28.34
CA GLN D 114 -8.42 4.15 -27.27
C GLN D 114 -8.02 3.59 -25.90
N TYR D 115 -8.06 4.46 -24.90
CA TYR D 115 -7.92 3.98 -23.52
C TYR D 115 -9.21 4.31 -22.80
N LEU D 116 -10.07 3.30 -22.62
CA LEU D 116 -11.35 3.55 -21.98
C LEU D 116 -11.27 3.62 -20.46
N GLU D 117 -10.21 3.05 -19.85
CA GLU D 117 -10.04 3.15 -18.41
C GLU D 117 -8.55 3.05 -18.08
N GLY D 118 -8.11 3.81 -17.07
CA GLY D 118 -6.76 3.76 -16.57
C GLY D 118 -5.71 4.55 -17.32
N GLY D 119 -6.08 5.22 -18.42
CA GLY D 119 -5.12 5.93 -19.22
C GLY D 119 -4.41 7.03 -18.48
N SER D 120 -5.04 7.60 -17.45
CA SER D 120 -4.37 8.63 -16.66
C SER D 120 -3.22 8.06 -15.83
N GLN D 121 -3.19 6.77 -15.58
CA GLN D 121 -2.10 6.23 -14.79
C GLN D 121 -1.14 5.34 -15.56
N PHE D 122 -1.44 4.95 -16.80
CA PHE D 122 -0.57 4.02 -17.49
C PHE D 122 -0.24 4.42 -18.91
N THR D 123 -0.53 5.66 -19.30
CA THR D 123 -0.12 6.15 -20.60
C THR D 123 0.56 7.50 -20.46
N ASN D 124 0.81 8.14 -21.61
CA ASN D 124 1.76 9.23 -21.72
C ASN D 124 2.97 8.90 -20.87
N THR D 125 3.39 9.83 -20.01
CA THR D 125 4.63 9.73 -19.26
C THR D 125 4.76 8.42 -18.48
N LYS D 126 3.65 7.67 -18.34
CA LYS D 126 3.62 6.51 -17.45
C LYS D 126 3.55 5.20 -18.24
N GLY D 127 3.51 4.11 -17.50
CA GLY D 127 3.52 2.78 -18.05
C GLY D 127 3.75 1.79 -16.93
N PHE D 128 4.03 0.56 -17.30
CA PHE D 128 4.13 -0.52 -16.33
C PHE D 128 5.57 -0.64 -15.82
N ARG D 129 5.71 -0.82 -14.53
CA ARG D 129 7.06 -0.62 -13.99
C ARG D 129 7.95 -1.82 -14.25
N PRO D 130 9.25 -1.58 -14.46
CA PRO D 130 10.19 -2.69 -14.63
C PRO D 130 10.09 -3.68 -13.48
N GLY D 131 10.11 -4.96 -13.81
CA GLY D 131 10.14 -6.04 -12.85
C GLY D 131 8.82 -6.40 -12.22
N SER D 132 7.71 -5.83 -12.67
CA SER D 132 6.40 -6.12 -12.12
C SER D 132 5.67 -7.09 -13.03
N THR D 133 4.69 -7.75 -12.46
CA THR D 133 3.87 -8.69 -13.21
C THR D 133 2.60 -8.00 -13.67
N VAL D 134 2.29 -8.10 -14.95
CA VAL D 134 1.03 -7.56 -15.45
C VAL D 134 0.22 -8.69 -16.06
N GLN D 135 -1.04 -8.79 -15.62
CA GLN D 135 -2.09 -9.59 -16.25
C GLN D 135 -2.55 -8.92 -17.53
N LEU D 136 -2.39 -9.60 -18.66
CA LEU D 136 -2.86 -9.12 -19.96
C LEU D 136 -3.95 -10.04 -20.48
N THR D 137 -5.13 -9.48 -20.76
CA THR D 137 -6.24 -10.21 -21.36
C THR D 137 -6.56 -9.61 -22.71
N ILE D 138 -6.48 -10.43 -23.76
CA ILE D 138 -6.79 -9.95 -25.12
C ILE D 138 -8.03 -10.64 -25.65
N TYR D 139 -8.98 -9.79 -26.05
CA TYR D 139 -10.19 -10.10 -26.79
C TYR D 139 -9.98 -9.83 -28.28
N LYS D 140 -9.99 -10.89 -29.11
CA LYS D 140 -9.72 -10.65 -30.53
C LYS D 140 -10.85 -9.86 -31.19
N ASN D 141 -12.11 -10.13 -30.82
CA ASN D 141 -13.28 -9.51 -31.44
C ASN D 141 -14.38 -9.40 -30.39
N LEU D 142 -14.44 -8.23 -29.73
CA LEU D 142 -15.48 -7.88 -28.76
C LEU D 142 -16.31 -6.77 -29.37
N ASN D 143 -17.56 -7.09 -29.71
CA ASN D 143 -18.40 -6.26 -30.57
C ASN D 143 -17.64 -5.65 -31.73
N GLY D 144 -16.77 -6.42 -32.38
CA GLY D 144 -16.05 -5.94 -33.54
C GLY D 144 -14.78 -5.18 -33.20
N ASN D 145 -14.51 -4.98 -31.92
CA ASN D 145 -13.32 -4.26 -31.45
C ASN D 145 -12.35 -5.24 -30.81
N THR D 146 -11.06 -4.94 -30.92
CA THR D 146 -10.05 -5.72 -30.23
C THR D 146 -9.69 -4.98 -28.96
N ARG D 147 -9.79 -5.68 -27.83
CA ARG D 147 -9.56 -5.07 -26.54
C ARG D 147 -8.41 -5.77 -25.82
N ALA D 148 -7.55 -4.97 -25.20
CA ALA D 148 -6.48 -5.53 -24.38
C ALA D 148 -6.59 -4.88 -23.02
N THR D 149 -6.84 -5.69 -22.01
CA THR D 149 -6.93 -5.23 -20.63
C THR D 149 -5.70 -5.67 -19.85
N TYR D 150 -5.01 -4.70 -19.27
CA TYR D 150 -3.84 -4.92 -18.44
C TYR D 150 -4.27 -4.77 -16.99
N TRP D 151 -3.66 -5.56 -16.12
CA TRP D 151 -3.69 -5.33 -14.68
C TRP D 151 -2.24 -5.26 -14.22
N GLY D 152 -1.81 -4.11 -13.69
CA GLY D 152 -0.41 -3.92 -13.39
C GLY D 152 -0.12 -2.73 -12.50
N THR D 153 1.16 -2.39 -12.39
CA THR D 153 1.61 -1.34 -11.48
C THR D 153 2.58 -0.41 -12.19
N ASN D 154 2.38 0.89 -12.05
CA ASN D 154 3.20 1.92 -12.70
C ASN D 154 4.43 2.28 -11.87
N ASN D 155 5.27 3.17 -12.41
CA ASN D 155 6.51 3.53 -11.72
C ASN D 155 6.24 4.07 -10.33
N ALA D 156 5.11 4.76 -10.15
CA ALA D 156 4.71 5.36 -8.89
C ALA D 156 4.12 4.36 -7.89
N GLY D 157 3.94 3.10 -8.29
CA GLY D 157 3.31 2.14 -7.41
C GLY D 157 1.80 2.10 -7.46
N TYR D 158 1.15 2.87 -8.32
CA TYR D 158 -0.31 2.71 -8.48
C TYR D 158 -0.61 1.32 -9.01
N ASN D 159 -1.58 0.63 -8.41
CA ASN D 159 -1.96 -0.72 -8.84
C ASN D 159 -3.39 -0.66 -9.39
N GLY D 160 -3.53 -0.91 -10.69
CA GLY D 160 -4.86 -0.83 -11.27
C GLY D 160 -4.93 -1.31 -12.70
N ARG D 161 -6.03 -0.93 -13.36
CA ARG D 161 -6.39 -1.43 -14.69
C ARG D 161 -6.16 -0.40 -15.79
N LEU D 162 -5.72 -0.92 -16.94
CA LEU D 162 -5.83 -0.21 -18.20
C LEU D 162 -6.65 -1.08 -19.15
N ILE D 163 -7.73 -0.51 -19.67
CA ILE D 163 -8.54 -1.13 -20.72
C ILE D 163 -8.23 -0.37 -22.02
N SER D 164 -7.56 -1.04 -22.96
CA SER D 164 -7.15 -0.44 -24.23
C SER D 164 -7.79 -1.19 -25.39
N GLU D 165 -8.14 -0.45 -26.44
CA GLU D 165 -9.02 -0.95 -27.48
C GLU D 165 -8.70 -0.29 -28.81
N ILE D 166 -8.84 -1.05 -29.90
CA ILE D 166 -8.90 -0.48 -31.25
C ILE D 166 -10.25 -0.82 -31.86
N SER D 167 -10.99 0.19 -32.31
CA SER D 167 -12.35 -0.06 -32.80
C SER D 167 -12.37 -0.49 -34.26
N LYS D 168 -13.45 -1.19 -34.61
CA LYS D 168 -13.67 -1.64 -35.97
C LYS D 168 -12.46 -2.40 -36.52
N THR D 169 -11.99 -3.37 -35.73
CA THR D 169 -11.00 -4.32 -36.22
C THR D 169 -11.63 -5.51 -36.93
N ASN D 170 -12.86 -5.88 -36.55
CA ASN D 170 -13.66 -6.88 -37.26
C ASN D 170 -12.85 -8.13 -37.60
N VAL D 171 -12.21 -8.70 -36.58
CA VAL D 171 -11.32 -9.84 -36.79
C VAL D 171 -12.15 -11.10 -36.94
N GLY D 172 -11.95 -11.81 -38.05
CA GLY D 172 -12.56 -13.11 -38.22
C GLY D 172 -11.68 -14.29 -37.82
N SER D 173 -11.49 -15.20 -38.77
CA SER D 173 -10.69 -16.41 -38.56
C SER D 173 -9.25 -16.07 -38.20
N ILE D 174 -8.72 -16.77 -37.20
CA ILE D 174 -7.34 -16.64 -36.73
C ILE D 174 -6.72 -18.03 -36.71
N SER D 175 -5.43 -18.13 -37.02
CA SER D 175 -4.75 -19.42 -37.04
CA SER D 175 -4.76 -19.42 -37.04
C SER D 175 -4.09 -19.77 -35.71
N LYS D 176 -3.54 -18.79 -35.00
CA LYS D 176 -2.79 -19.10 -33.77
C LYS D 176 -2.52 -17.82 -33.01
N TRP D 177 -1.89 -17.94 -31.86
CA TRP D 177 -1.51 -16.76 -31.09
C TRP D 177 0.02 -16.80 -30.90
N LYS D 178 0.61 -15.69 -30.48
CA LYS D 178 2.06 -15.59 -30.47
C LYS D 178 2.57 -15.04 -29.14
N ALA D 179 3.86 -15.27 -28.89
CA ALA D 179 4.55 -14.74 -27.72
C ALA D 179 5.95 -14.29 -28.14
N LEU D 180 6.24 -12.99 -28.03
CA LEU D 180 7.51 -12.48 -28.51
C LEU D 180 8.17 -11.59 -27.46
N ALA D 181 9.51 -11.59 -27.49
CA ALA D 181 10.34 -10.53 -26.92
C ALA D 181 11.38 -10.18 -27.99
N THR D 182 11.30 -8.97 -28.51
CA THR D 182 12.16 -8.56 -29.61
C THR D 182 12.82 -7.22 -29.31
N VAL D 183 13.86 -6.93 -30.07
CA VAL D 183 14.40 -5.58 -30.23
C VAL D 183 14.24 -5.26 -31.71
N ALA D 184 13.36 -4.30 -32.02
CA ALA D 184 13.12 -3.92 -33.41
C ALA D 184 13.90 -2.67 -33.69
N THR D 185 14.49 -2.61 -34.88
CA THR D 185 15.13 -1.40 -35.31
C THR D 185 14.62 -1.00 -36.68
N THR D 186 14.99 0.20 -37.06
CA THR D 186 14.63 0.72 -38.35
C THR D 186 15.85 1.24 -39.09
N GLY D 187 16.98 1.43 -38.38
CA GLY D 187 18.31 1.40 -38.97
C GLY D 187 18.91 0.00 -39.03
N SER D 188 20.20 -0.15 -38.74
CA SER D 188 20.89 -1.41 -38.94
C SER D 188 20.74 -2.33 -37.73
N ARG D 189 20.76 -3.64 -38.00
CA ARG D 189 20.42 -4.69 -37.06
C ARG D 189 21.62 -5.32 -36.38
N GLN D 190 22.82 -5.16 -36.93
CA GLN D 190 24.00 -5.59 -36.19
C GLN D 190 24.63 -4.50 -35.34
N SER D 191 24.09 -3.29 -35.33
CA SER D 191 24.48 -2.36 -34.28
C SER D 191 23.59 -2.49 -33.04
N ILE D 192 22.72 -3.50 -32.99
CA ILE D 192 21.90 -3.77 -31.82
C ILE D 192 22.74 -4.50 -30.78
N LYS D 193 22.86 -3.90 -29.60
CA LYS D 193 23.28 -4.60 -28.39
C LYS D 193 22.07 -4.63 -27.48
N SER D 194 21.85 -5.75 -26.81
CA SER D 194 20.73 -5.78 -25.89
C SER D 194 20.86 -6.97 -24.94
N ASN D 195 20.15 -6.86 -23.82
CA ASN D 195 20.11 -7.90 -22.77
C ASN D 195 18.89 -7.66 -21.89
N PHE D 196 17.86 -8.49 -22.05
CA PHE D 196 16.72 -8.47 -21.14
C PHE D 196 15.98 -9.79 -21.25
N SER D 197 15.37 -10.21 -20.12
CA SER D 197 14.60 -11.45 -20.05
C SER D 197 13.22 -11.18 -19.51
N THR D 198 12.28 -12.05 -19.87
CA THR D 198 10.89 -11.89 -19.45
C THR D 198 10.18 -13.23 -19.55
N SER D 199 8.93 -13.26 -19.12
CA SER D 199 8.19 -14.52 -19.02
C SER D 199 6.71 -14.22 -19.20
N PHE D 200 5.99 -15.16 -19.80
CA PHE D 200 4.56 -14.97 -19.84
C PHE D 200 4.23 -16.34 -19.25
N THR D 201 3.41 -16.44 -18.21
CA THR D 201 2.94 -17.68 -17.53
C THR D 201 1.42 -17.65 -17.43
N ASN D 202 0.90 -18.77 -16.95
CA ASN D 202 -0.54 -19.00 -16.83
C ASN D 202 -1.24 -18.62 -18.12
N ILE D 203 -0.68 -19.13 -19.22
CA ILE D 203 -1.26 -18.86 -20.54
C ILE D 203 -2.61 -19.58 -20.67
N THR D 204 -3.63 -18.81 -21.03
CA THR D 204 -4.96 -19.34 -21.31
C THR D 204 -5.46 -18.77 -22.62
N ILE D 205 -6.12 -19.60 -23.42
CA ILE D 205 -6.90 -19.12 -24.56
C ILE D 205 -8.28 -19.73 -24.48
N ASP D 206 -9.30 -18.88 -24.63
CA ASP D 206 -10.70 -19.26 -24.55
C ASP D 206 -11.01 -19.97 -23.23
N ASN D 207 -10.73 -19.26 -22.14
CA ASN D 207 -10.84 -19.76 -20.77
C ASN D 207 -10.20 -21.14 -20.64
N LYS D 208 -9.31 -21.50 -21.58
CA LYS D 208 -8.62 -22.79 -21.58
C LYS D 208 -7.18 -22.29 -21.64
N ALA D 209 -6.26 -23.14 -22.07
CA ALA D 209 -4.84 -22.84 -21.93
C ALA D 209 -4.11 -23.21 -23.22
N ILE D 210 -2.78 -23.22 -23.15
CA ILE D 210 -1.99 -23.90 -24.16
C ILE D 210 -0.52 -23.90 -23.77
N THR D 211 0.18 -24.91 -24.24
CA THR D 211 1.61 -25.02 -24.07
C THR D 211 2.28 -24.42 -25.31
N PRO D 212 3.03 -23.33 -25.19
CA PRO D 212 3.66 -22.73 -26.38
C PRO D 212 4.64 -23.68 -27.05
N VAL D 213 4.90 -23.40 -28.34
CA VAL D 213 5.92 -24.11 -29.10
C VAL D 213 6.90 -23.10 -29.66
N ILE D 214 8.19 -23.35 -29.42
CA ILE D 214 9.23 -22.43 -29.88
C ILE D 214 9.17 -22.37 -31.39
N ASP D 215 9.36 -21.16 -31.92
CA ASP D 215 9.46 -20.97 -33.37
C ASP D 215 10.84 -20.45 -33.72
N THR D 216 11.17 -19.21 -33.36
CA THR D 216 12.37 -18.51 -33.81
C THR D 216 13.20 -18.09 -32.62
N GLN D 217 14.51 -18.19 -32.80
CA GLN D 217 15.46 -17.76 -31.78
C GLN D 217 16.42 -16.85 -32.52
N ASP D 218 16.20 -15.55 -32.41
CA ASP D 218 16.97 -14.56 -33.17
C ASP D 218 17.76 -13.76 -32.12
N PHE D 219 18.95 -14.25 -31.80
CA PHE D 219 19.79 -13.71 -30.72
C PHE D 219 19.05 -13.79 -29.39
N ALA D 220 18.27 -14.83 -29.23
CA ALA D 220 17.41 -14.99 -28.07
C ALA D 220 17.40 -16.46 -27.72
N LYS D 221 17.14 -16.73 -26.44
CA LYS D 221 17.02 -18.10 -25.97
C LYS D 221 15.64 -18.23 -25.35
N VAL D 222 14.86 -19.20 -25.83
CA VAL D 222 13.47 -19.41 -25.46
C VAL D 222 13.38 -20.76 -24.77
N THR D 223 12.64 -20.82 -23.65
CA THR D 223 12.35 -22.08 -22.95
C THR D 223 10.87 -22.15 -22.62
N VAL D 224 10.29 -23.33 -22.83
CA VAL D 224 8.89 -23.56 -22.57
C VAL D 224 8.78 -24.56 -21.43
N SER D 225 7.87 -24.28 -20.49
CA SER D 225 7.51 -25.23 -19.43
C SER D 225 5.99 -25.21 -19.29
N GLY D 226 5.32 -26.20 -19.86
CA GLY D 226 3.87 -26.18 -19.78
C GLY D 226 3.35 -24.89 -20.39
N ASN D 227 2.35 -24.29 -19.76
CA ASN D 227 1.82 -23.04 -20.27
C ASN D 227 2.62 -21.84 -19.76
N SER D 228 3.94 -21.88 -19.97
CA SER D 228 4.79 -20.73 -19.70
C SER D 228 5.97 -20.77 -20.66
N VAL D 229 6.40 -19.59 -21.09
CA VAL D 229 7.56 -19.46 -21.98
C VAL D 229 8.46 -18.37 -21.41
N SER D 230 9.77 -18.65 -21.38
CA SER D 230 10.78 -17.72 -20.91
C SER D 230 11.61 -17.23 -22.09
N LEU D 231 11.66 -15.91 -22.30
CA LEU D 231 12.40 -15.33 -23.42
C LEU D 231 13.56 -14.49 -22.90
N SER D 232 14.73 -14.68 -23.50
CA SER D 232 15.93 -13.95 -23.09
C SER D 232 16.67 -13.44 -24.33
N VAL D 233 16.62 -12.14 -24.55
CA VAL D 233 17.22 -11.53 -25.74
C VAL D 233 18.62 -11.04 -25.33
N VAL D 234 19.66 -11.71 -25.82
CA VAL D 234 21.03 -11.29 -25.53
C VAL D 234 21.80 -11.22 -26.82
N LYS D 235 22.11 -10.01 -27.24
CA LYS D 235 23.01 -9.83 -28.35
C LYS D 235 24.09 -8.88 -27.84
#